data_3PUU
#
_entry.id   3PUU
#
_cell.length_a   120.764
_cell.length_b   120.764
_cell.length_c   170.844
_cell.angle_alpha   90.00
_cell.angle_beta   90.00
_cell.angle_gamma   120.00
#
_symmetry.space_group_name_H-M   'P 31 2 1'
#
loop_
_entity.id
_entity.type
_entity.pdbx_description
1 polymer 'Aminopeptidase N'
2 non-polymer 'ZINC ION'
3 non-polymer GLYCEROL
4 non-polymer 'SULFATE ION'
5 water water
#
_entity_poly.entity_id   1
_entity_poly.type   'polypeptide(L)'
_entity_poly.pdbx_seq_one_letter_code
;MGSSHHHHHHSSGENLYFQGHMTQQPQAKYRHDYRAPDYQITDIDLTFDLDAQKTVVTAVSQAVRHGASDAPLRLNGEDL
KLVSVHINDEPWTAWKEEEGALVISNLPERFTLKIINEISPAANTALEGLYQSGDALCTQCQAEGFRHITYYLDRPDVLA
RFTTKIIADKIKYPFLLSNGNRVAQGELENGRHWVQWQDPFPKPCYLFALVAGDFDVLRDTFTTRSGREVALELYVDRGN
LDRAPWAMTSLKNSMKWDEERFGLEYDLDIYMIVAVDFFNMGAMENKGLNIFNSKYVLARTDTATDKDYLDIERVIGHEY
FHNWTGNRVTCRDWFQLSLKEGLTVFRDQEFSSDLGSRAVNRINNVRTMRGLQFAEDASPMAHPIRPDMVIEMNNFYTLT
VYEKGAEVIRMIHTLLGEENFQKGMQLYFERHDGSAATCDDFVQAMEDASNVDLSHFRRWYSQSGTPIVTVKDDYNPETE
QYTLTISQRTPATPDQAEKQPLHIPFAIELYDNEGKVIPLQKGGHPVNSVLNVTQAEQTFVFDNVYFQPVPALLCEFSAP
VKLEYKWSDQQLTFLMRHARNDFSRWDAAQSLLATYIKLNVARHQQGQPLSLPVHVADAFRAVLLDEKIDPALAAEILTL
PSVNEMAELFDIIDPIAIAEVREALTRTLATELADELLAIYNANYQSEYRVEHEDIAKRTLRNACLRFLAFGETHLADVL
VSKQFHEANNMTDALAALSAAVAAQLPCRDALMQEYDDKWHQNGLVMDKWFILQATSPAANVLETVRGLLQHRSFTMSNP
NRIRSLIGAFAGSNPAAFHAEDGSGYLFLVEMLTDLNSRNPQVASRLIEPLIRLKRYDAKRQEKMRAALEQLKGLENLSG
DLYEKITKALA
;
_entity_poly.pdbx_strand_id   A
#
loop_
_chem_comp.id
_chem_comp.type
_chem_comp.name
_chem_comp.formula
GOL non-polymer GLYCEROL 'C3 H8 O3'
SO4 non-polymer 'SULFATE ION' 'O4 S -2'
ZN non-polymer 'ZINC ION' 'Zn 2'
#
# COMPACT_ATOMS: atom_id res chain seq x y z
N PRO A 26 9.45 24.32 9.63
CA PRO A 26 9.06 23.72 8.33
C PRO A 26 7.66 24.19 7.92
N GLN A 27 7.54 24.65 6.68
CA GLN A 27 6.39 25.44 6.27
C GLN A 27 5.37 24.60 5.49
N ALA A 28 4.07 24.77 5.75
CA ALA A 28 3.08 24.05 4.98
C ALA A 28 2.95 24.60 3.56
N LYS A 29 2.69 23.72 2.62
CA LYS A 29 2.41 24.10 1.24
C LYS A 29 0.97 23.73 0.93
N TYR A 30 0.34 24.56 0.10
CA TYR A 30 -1.11 24.55 -0.11
C TYR A 30 -1.42 24.30 -1.56
N ARG A 31 -2.36 23.39 -1.83
CA ARG A 31 -2.74 23.07 -3.21
C ARG A 31 -3.20 24.30 -4.00
N HIS A 32 -3.96 25.19 -3.34
CA HIS A 32 -4.50 26.39 -3.98
C HIS A 32 -3.39 27.35 -4.41
N ASP A 33 -2.18 27.15 -3.92
CA ASP A 33 -1.07 28.02 -4.34
C ASP A 33 -0.38 27.60 -5.61
N TYR A 34 -0.87 26.55 -6.28
CA TYR A 34 -0.18 26.11 -7.49
C TYR A 34 0.00 27.27 -8.48
N ARG A 35 1.17 27.32 -9.11
CA ARG A 35 1.47 28.30 -10.16
C ARG A 35 2.42 27.66 -11.19
N ALA A 36 2.14 27.85 -12.47
CA ALA A 36 3.03 27.40 -13.54
C ALA A 36 4.47 27.91 -13.31
N PRO A 37 5.48 27.07 -13.64
CA PRO A 37 6.86 27.46 -13.32
C PRO A 37 7.33 28.65 -14.18
N ASP A 38 8.12 29.55 -13.59
CA ASP A 38 8.76 30.68 -14.32
C ASP A 38 9.74 30.20 -15.39
N TYR A 39 10.36 29.05 -15.15
CA TYR A 39 11.29 28.42 -16.10
C TYR A 39 10.97 26.95 -16.30
N GLN A 40 11.22 26.50 -17.52
CA GLN A 40 11.18 25.09 -17.85
C GLN A 40 12.62 24.67 -18.18
N ILE A 41 12.92 23.40 -17.91
CA ILE A 41 14.15 22.76 -18.41
C ILE A 41 13.71 21.67 -19.39
N THR A 42 14.18 21.74 -20.64
CA THR A 42 13.72 20.82 -21.70
C THR A 42 14.63 19.59 -21.86
N ASP A 43 15.89 19.73 -21.46
CA ASP A 43 16.89 18.73 -21.71
C ASP A 43 17.92 18.84 -20.62
N ILE A 44 18.36 17.71 -20.10
CA ILE A 44 19.43 17.74 -19.09
C ILE A 44 20.41 16.62 -19.37
N ASP A 45 21.69 16.98 -19.37
N ASP A 45 21.69 17.00 -19.40
CA ASP A 45 22.78 16.05 -19.57
CA ASP A 45 22.81 16.09 -19.57
C ASP A 45 23.61 15.94 -18.29
C ASP A 45 23.49 15.98 -18.22
N LEU A 46 23.53 14.77 -17.67
CA LEU A 46 24.12 14.51 -16.38
C LEU A 46 25.36 13.67 -16.51
N THR A 47 26.39 14.05 -15.77
CA THR A 47 27.57 13.19 -15.58
C THR A 47 27.79 12.91 -14.10
N PHE A 48 27.95 11.63 -13.75
CA PHE A 48 28.31 11.23 -12.40
C PHE A 48 29.70 10.62 -12.38
N ASP A 49 30.61 11.27 -11.65
N ASP A 49 30.60 11.28 -11.65
CA ASP A 49 31.86 10.65 -11.29
CA ASP A 49 31.86 10.67 -11.23
C ASP A 49 31.59 9.99 -9.94
C ASP A 49 31.55 9.99 -9.91
N LEU A 50 31.22 8.71 -10.01
CA LEU A 50 30.66 7.96 -8.90
C LEU A 50 31.69 7.42 -7.97
N ASP A 51 31.42 7.61 -6.68
CA ASP A 51 32.24 7.06 -5.59
C ASP A 51 31.40 7.16 -4.34
N ALA A 52 31.42 6.09 -3.51
CA ALA A 52 30.57 6.04 -2.31
C ALA A 52 30.83 7.21 -1.35
N GLN A 53 32.10 7.61 -1.22
CA GLN A 53 32.42 8.70 -0.28
C GLN A 53 32.13 10.08 -0.85
N LYS A 54 32.43 10.28 -2.12
CA LYS A 54 32.24 11.58 -2.75
C LYS A 54 31.91 11.40 -4.23
N THR A 55 30.68 11.74 -4.59
CA THR A 55 30.26 11.69 -5.99
C THR A 55 30.22 13.11 -6.52
N VAL A 56 30.81 13.32 -7.69
CA VAL A 56 30.74 14.63 -8.34
C VAL A 56 29.69 14.57 -9.44
N VAL A 57 28.74 15.49 -9.40
CA VAL A 57 27.69 15.53 -10.36
C VAL A 57 27.88 16.78 -11.20
N THR A 58 27.90 16.60 -12.52
CA THR A 58 27.89 17.71 -13.46
C THR A 58 26.56 17.66 -14.19
N ALA A 59 25.79 18.75 -14.14
CA ALA A 59 24.49 18.76 -14.73
C ALA A 59 24.39 19.93 -15.69
N VAL A 60 24.13 19.65 -16.96
CA VAL A 60 24.03 20.69 -17.98
C VAL A 60 22.61 20.72 -18.48
N SER A 61 21.89 21.80 -18.15
CA SER A 61 20.47 21.92 -18.47
C SER A 61 20.18 23.02 -19.51
N GLN A 62 19.25 22.73 -20.43
CA GLN A 62 18.74 23.74 -21.38
C GLN A 62 17.44 24.30 -20.82
N ALA A 63 17.49 25.57 -20.44
CA ALA A 63 16.37 26.22 -19.76
C ALA A 63 15.69 27.24 -20.68
N VAL A 64 14.39 27.42 -20.50
CA VAL A 64 13.57 28.41 -21.21
C VAL A 64 12.72 29.15 -20.19
N ARG A 65 12.79 30.47 -20.21
CA ARG A 65 11.94 31.29 -19.36
C ARG A 65 10.49 31.35 -19.89
N HIS A 66 9.53 31.13 -18.99
CA HIS A 66 8.12 31.28 -19.33
C HIS A 66 7.47 32.46 -18.59
N GLY A 67 8.03 32.80 -17.44
CA GLY A 67 7.49 33.86 -16.59
C GLY A 67 8.01 35.25 -16.96
N ALA A 68 7.95 36.16 -15.99
CA ALA A 68 8.34 37.56 -16.19
C ALA A 68 9.84 37.67 -16.42
N SER A 69 10.22 38.63 -17.26
CA SER A 69 11.61 38.75 -17.70
C SER A 69 12.60 38.99 -16.54
N ASP A 70 12.13 39.51 -15.41
CA ASP A 70 12.99 39.73 -14.24
C ASP A 70 12.85 38.62 -13.17
N ALA A 71 12.15 37.53 -13.47
CA ALA A 71 12.01 36.38 -12.52
C ALA A 71 13.35 35.64 -12.35
N PRO A 72 13.79 35.41 -11.10
CA PRO A 72 14.99 34.59 -10.92
C PRO A 72 14.65 33.11 -11.11
N LEU A 73 15.66 32.34 -11.43
CA LEU A 73 15.55 30.91 -11.46
C LEU A 73 15.79 30.37 -10.05
N ARG A 74 14.81 29.65 -9.50
N ARG A 74 14.79 29.73 -9.46
CA ARG A 74 14.91 29.12 -8.15
CA ARG A 74 14.96 29.10 -8.17
C ARG A 74 15.01 27.59 -8.16
C ARG A 74 15.08 27.60 -8.36
N LEU A 75 16.23 27.07 -7.96
CA LEU A 75 16.49 25.65 -7.99
C LEU A 75 16.45 25.10 -6.58
N ASN A 76 15.83 23.94 -6.43
CA ASN A 76 15.85 23.21 -5.17
C ASN A 76 17.14 22.45 -4.98
N GLY A 77 17.63 22.43 -3.76
CA GLY A 77 18.77 21.54 -3.46
C GLY A 77 18.82 21.30 -1.97
N GLU A 78 19.18 20.08 -1.59
CA GLU A 78 19.32 19.72 -0.17
C GLU A 78 20.63 18.94 0.05
N ASP A 79 21.43 19.39 1.01
N ASP A 79 21.43 19.41 1.00
CA ASP A 79 22.65 18.67 1.41
CA ASP A 79 22.67 18.73 1.42
C ASP A 79 23.58 18.47 0.20
C ASP A 79 23.60 18.49 0.23
N LEU A 80 23.85 19.54 -0.54
CA LEU A 80 24.69 19.50 -1.75
C LEU A 80 25.91 20.36 -1.49
N LYS A 81 27.08 19.98 -1.99
CA LYS A 81 28.19 20.93 -1.92
C LYS A 81 28.38 21.58 -3.30
N LEU A 82 28.02 22.87 -3.42
CA LEU A 82 28.16 23.58 -4.71
C LEU A 82 29.62 23.81 -5.08
N VAL A 83 29.99 23.45 -6.30
CA VAL A 83 31.36 23.63 -6.79
C VAL A 83 31.39 24.81 -7.80
N SER A 84 30.42 24.89 -8.71
CA SER A 84 30.39 25.98 -9.67
C SER A 84 29.06 26.14 -10.38
N VAL A 85 28.82 27.38 -10.83
CA VAL A 85 27.64 27.74 -11.62
C VAL A 85 28.11 28.47 -12.87
N HIS A 86 27.72 27.98 -14.06
CA HIS A 86 27.98 28.67 -15.33
C HIS A 86 26.68 28.84 -16.07
N ILE A 87 26.55 29.93 -16.82
CA ILE A 87 25.40 30.19 -17.71
C ILE A 87 26.00 30.45 -19.08
N ASN A 88 25.70 29.58 -20.05
CA ASN A 88 26.32 29.63 -21.37
C ASN A 88 27.86 29.61 -21.26
N ASP A 89 28.38 28.77 -20.37
CA ASP A 89 29.82 28.69 -20.09
C ASP A 89 30.45 29.90 -19.40
N GLU A 90 29.67 30.93 -19.08
CA GLU A 90 30.16 32.07 -18.28
C GLU A 90 30.07 31.76 -16.76
N PRO A 91 31.22 31.80 -16.02
CA PRO A 91 31.09 31.69 -14.56
C PRO A 91 30.13 32.78 -14.05
N TRP A 92 29.13 32.38 -13.26
CA TRP A 92 28.01 33.28 -12.92
C TRP A 92 28.19 33.87 -11.54
N THR A 93 27.99 35.18 -11.43
CA THR A 93 28.18 35.88 -10.16
C THR A 93 26.84 36.26 -9.54
N ALA A 94 25.79 36.26 -10.35
CA ALA A 94 24.47 36.73 -9.90
C ALA A 94 23.63 35.57 -9.33
N TRP A 95 24.07 35.00 -8.23
CA TRP A 95 23.29 33.96 -7.54
C TRP A 95 23.50 34.04 -6.03
N LYS A 96 22.60 33.39 -5.28
CA LYS A 96 22.76 33.24 -3.84
C LYS A 96 22.20 31.88 -3.41
N GLU A 97 22.88 31.23 -2.48
CA GLU A 97 22.33 30.05 -1.85
C GLU A 97 21.45 30.49 -0.68
N GLU A 98 20.31 29.84 -0.53
CA GLU A 98 19.41 30.02 0.61
C GLU A 98 19.06 28.64 1.12
N GLU A 99 18.26 28.61 2.18
CA GLU A 99 17.75 27.38 2.76
C GLU A 99 17.04 26.57 1.67
N GLY A 100 17.63 25.44 1.31
CA GLY A 100 17.03 24.53 0.33
C GLY A 100 17.02 25.01 -1.12
N ALA A 101 17.75 26.06 -1.43
CA ALA A 101 17.65 26.65 -2.77
C ALA A 101 18.91 27.34 -3.30
N LEU A 102 18.99 27.43 -4.62
CA LEU A 102 19.98 28.24 -5.27
C LEU A 102 19.17 29.15 -6.19
N VAL A 103 19.27 30.46 -5.94
CA VAL A 103 18.50 31.46 -6.65
C VAL A 103 19.45 32.19 -7.61
N ILE A 104 19.19 32.08 -8.90
CA ILE A 104 20.07 32.63 -9.91
C ILE A 104 19.31 33.75 -10.60
N SER A 105 19.90 34.95 -10.65
CA SER A 105 19.26 36.16 -11.18
C SER A 105 19.80 36.56 -12.52
N ASN A 106 19.05 37.45 -13.18
CA ASN A 106 19.52 38.21 -14.37
C ASN A 106 19.83 37.34 -15.58
N LEU A 107 18.88 36.48 -15.92
CA LEU A 107 19.11 35.47 -16.92
C LEU A 107 18.53 35.83 -18.29
N PRO A 108 19.13 35.29 -19.37
CA PRO A 108 18.49 35.48 -20.67
C PRO A 108 17.21 34.64 -20.75
N GLU A 109 16.51 34.73 -21.87
CA GLU A 109 15.28 33.99 -22.07
C GLU A 109 15.52 32.49 -22.28
N ARG A 110 16.62 32.12 -22.93
CA ARG A 110 17.03 30.73 -23.16
C ARG A 110 18.53 30.64 -22.91
N PHE A 111 18.99 29.59 -22.24
CA PHE A 111 20.40 29.48 -21.85
C PHE A 111 20.77 28.07 -21.43
N THR A 112 22.06 27.77 -21.46
CA THR A 112 22.59 26.53 -20.90
C THR A 112 23.05 26.79 -19.46
N LEU A 113 22.46 26.09 -18.51
CA LEU A 113 22.86 26.14 -17.13
C LEU A 113 23.81 25.00 -16.86
N LYS A 114 24.95 25.27 -16.26
CA LYS A 114 25.80 24.17 -15.79
C LYS A 114 26.09 24.27 -14.31
N ILE A 115 25.74 23.21 -13.60
CA ILE A 115 26.00 23.11 -12.16
C ILE A 115 26.98 21.98 -11.94
N ILE A 116 27.98 22.20 -11.09
CA ILE A 116 28.77 21.11 -10.57
C ILE A 116 28.60 21.12 -9.06
N ASN A 117 28.32 19.94 -8.51
CA ASN A 117 28.18 19.80 -7.06
C ASN A 117 28.63 18.43 -6.58
N GLU A 118 28.89 18.30 -5.27
CA GLU A 118 29.29 17.01 -4.68
C GLU A 118 28.23 16.52 -3.72
N ILE A 119 28.12 15.20 -3.59
CA ILE A 119 27.22 14.57 -2.61
C ILE A 119 27.96 13.37 -2.06
N SER A 120 27.44 12.73 -1.01
CA SER A 120 28.15 11.60 -0.39
C SER A 120 27.18 10.40 -0.17
N PRO A 121 27.09 9.50 -1.17
CA PRO A 121 26.15 8.38 -1.01
C PRO A 121 26.30 7.57 0.28
N ALA A 122 27.54 7.30 0.69
CA ALA A 122 27.80 6.52 1.92
C ALA A 122 27.29 7.16 3.21
N ALA A 123 27.22 8.50 3.24
CA ALA A 123 26.70 9.19 4.42
C ALA A 123 25.17 9.34 4.39
N ASN A 124 24.52 8.88 3.30
CA ASN A 124 23.07 9.08 3.13
C ASN A 124 22.29 7.96 3.85
N THR A 125 22.12 8.06 5.17
CA THR A 125 21.37 7.03 5.91
C THR A 125 19.84 7.18 5.78
N ALA A 126 19.37 8.34 5.30
CA ALA A 126 17.94 8.62 5.08
C ALA A 126 17.37 7.88 3.86
N LEU A 127 18.27 7.47 2.95
CA LEU A 127 17.93 6.71 1.74
C LEU A 127 17.06 7.50 0.78
N GLU A 128 17.37 8.79 0.65
N GLU A 128 17.36 8.79 0.69
CA GLU A 128 16.64 9.70 -0.22
CA GLU A 128 16.65 9.73 -0.18
C GLU A 128 17.62 10.38 -1.17
C GLU A 128 17.70 10.25 -1.16
N GLY A 129 17.42 10.20 -2.46
CA GLY A 129 18.42 10.62 -3.47
C GLY A 129 19.34 9.44 -3.84
N LEU A 130 20.65 9.69 -3.92
CA LEU A 130 21.62 8.65 -4.23
C LEU A 130 22.27 8.12 -2.95
N TYR A 131 22.16 6.83 -2.72
CA TYR A 131 22.74 6.28 -1.51
C TYR A 131 23.34 4.90 -1.74
N GLN A 132 23.92 4.36 -0.67
CA GLN A 132 24.54 3.08 -0.74
C GLN A 132 23.58 2.00 -0.19
N SER A 133 23.40 0.91 -0.95
CA SER A 133 22.57 -0.22 -0.52
C SER A 133 23.46 -1.49 -0.53
N GLY A 134 23.98 -1.88 0.64
CA GLY A 134 25.03 -2.90 0.71
C GLY A 134 26.27 -2.37 -0.01
N ASP A 135 26.69 -3.04 -1.08
CA ASP A 135 27.84 -2.59 -1.89
C ASP A 135 27.41 -1.77 -3.12
N ALA A 136 26.12 -1.82 -3.44
CA ALA A 136 25.53 -1.12 -4.57
C ALA A 136 25.26 0.37 -4.28
N LEU A 137 25.16 1.17 -5.33
CA LEU A 137 24.64 2.53 -5.20
C LEU A 137 23.34 2.55 -5.97
N CYS A 138 22.31 3.18 -5.41
CA CYS A 138 21.02 3.28 -6.11
C CYS A 138 20.31 4.57 -5.70
N THR A 139 19.22 4.88 -6.38
CA THR A 139 18.50 6.13 -6.10
C THR A 139 17.07 5.85 -5.62
N GLN A 140 16.54 6.79 -4.83
CA GLN A 140 15.11 6.85 -4.55
C GLN A 140 14.75 8.35 -4.57
N CYS A 141 14.06 8.79 -5.63
CA CYS A 141 13.83 10.22 -5.89
C CYS A 141 12.40 10.73 -5.65
N GLN A 142 11.48 9.89 -5.16
CA GLN A 142 10.11 10.37 -4.82
C GLN A 142 9.95 10.71 -3.34
N ALA A 143 9.19 11.75 -3.00
CA ALA A 143 8.60 12.71 -3.97
C ALA A 143 9.63 13.72 -4.51
N GLU A 144 10.53 14.15 -3.63
CA GLU A 144 11.49 15.25 -3.91
C GLU A 144 12.94 14.88 -3.58
N GLY A 145 13.40 13.76 -4.12
CA GLY A 145 14.71 13.25 -3.78
C GLY A 145 15.77 13.68 -4.77
N PHE A 146 15.37 14.09 -5.98
CA PHE A 146 16.36 14.48 -7.00
C PHE A 146 17.11 15.73 -6.54
N ARG A 147 16.44 16.58 -5.75
CA ARG A 147 17.10 17.80 -5.23
C ARG A 147 18.22 17.44 -4.24
N HIS A 148 18.27 16.18 -3.77
CA HIS A 148 19.39 15.68 -2.96
C HIS A 148 20.59 15.20 -3.82
N ILE A 149 20.46 15.27 -5.14
CA ILE A 149 21.50 14.85 -6.08
C ILE A 149 22.14 16.08 -6.78
N THR A 150 21.31 17.03 -7.20
CA THR A 150 21.83 18.28 -7.78
C THR A 150 20.77 19.38 -7.65
N TYR A 151 21.16 20.63 -7.90
CA TYR A 151 20.22 21.76 -7.87
C TYR A 151 19.35 21.71 -9.11
N TYR A 152 18.03 21.65 -8.93
CA TYR A 152 17.18 21.40 -10.09
C TYR A 152 15.78 21.96 -9.87
N LEU A 153 14.98 22.02 -10.94
CA LEU A 153 13.54 22.29 -10.81
C LEU A 153 12.81 21.00 -10.39
N ASP A 154 12.88 20.72 -9.10
CA ASP A 154 12.44 19.41 -8.58
C ASP A 154 10.94 19.48 -8.32
N ARG A 155 10.16 19.46 -9.40
CA ARG A 155 8.68 19.61 -9.37
C ARG A 155 8.16 18.88 -10.64
N PRO A 156 7.10 18.07 -10.50
CA PRO A 156 6.81 17.13 -11.60
C PRO A 156 6.15 17.70 -12.88
N ASP A 157 5.84 19.00 -12.88
CA ASP A 157 5.37 19.68 -14.07
C ASP A 157 6.51 20.18 -14.97
N VAL A 158 7.76 19.96 -14.55
CA VAL A 158 8.93 20.27 -15.39
C VAL A 158 9.39 18.93 -15.97
N LEU A 159 9.20 18.76 -17.28
CA LEU A 159 9.56 17.54 -17.99
C LEU A 159 10.74 17.72 -18.96
N ALA A 160 11.80 16.95 -18.74
CA ALA A 160 13.04 17.13 -19.50
C ALA A 160 13.47 15.82 -20.12
N ARG A 161 14.16 15.90 -21.26
CA ARG A 161 14.81 14.73 -21.83
C ARG A 161 16.19 14.53 -21.16
N PHE A 162 16.38 13.39 -20.50
CA PHE A 162 17.64 13.07 -19.79
C PHE A 162 18.63 12.27 -20.62
N THR A 163 19.91 12.62 -20.50
CA THR A 163 20.98 11.72 -20.88
C THR A 163 21.94 11.68 -19.71
N THR A 164 22.39 10.47 -19.35
CA THR A 164 23.13 10.28 -18.11
C THR A 164 24.37 9.50 -18.40
N LYS A 165 25.51 10.13 -18.11
CA LYS A 165 26.77 9.44 -18.19
C LYS A 165 27.28 9.08 -16.81
N ILE A 166 27.70 7.84 -16.65
CA ILE A 166 28.14 7.33 -15.36
C ILE A 166 29.57 6.83 -15.46
N ILE A 167 30.44 7.37 -14.61
CA ILE A 167 31.84 7.00 -14.58
C ILE A 167 32.16 6.39 -13.20
N ALA A 168 32.66 5.15 -13.18
CA ALA A 168 32.95 4.47 -11.93
C ALA A 168 34.08 3.44 -12.03
N ASP A 169 34.57 3.04 -10.86
CA ASP A 169 35.49 1.93 -10.73
C ASP A 169 34.87 0.65 -11.27
N LYS A 170 35.57 0.05 -12.24
CA LYS A 170 35.06 -1.11 -12.96
C LYS A 170 34.90 -2.38 -12.09
N ILE A 171 35.81 -2.61 -11.16
CA ILE A 171 35.75 -3.82 -10.30
C ILE A 171 34.61 -3.71 -9.26
N LYS A 172 34.49 -2.53 -8.64
CA LYS A 172 33.43 -2.30 -7.69
C LYS A 172 32.07 -2.16 -8.39
N TYR A 173 32.02 -1.52 -9.57
CA TYR A 173 30.73 -1.24 -10.26
C TYR A 173 30.71 -1.64 -11.74
N PRO A 174 30.75 -2.96 -12.00
CA PRO A 174 30.72 -3.45 -13.39
C PRO A 174 29.43 -3.10 -14.14
N PHE A 175 28.31 -2.96 -13.42
CA PHE A 175 27.05 -2.54 -14.04
C PHE A 175 26.72 -1.09 -13.67
N LEU A 176 26.51 -0.26 -14.71
CA LEU A 176 26.19 1.15 -14.52
C LEU A 176 24.92 1.46 -15.31
N LEU A 177 23.81 1.63 -14.59
CA LEU A 177 22.49 1.69 -15.18
C LEU A 177 21.83 3.01 -14.94
N SER A 178 21.13 3.49 -15.97
CA SER A 178 20.20 4.59 -15.81
C SER A 178 19.02 4.38 -16.80
N ASN A 179 18.07 5.31 -16.83
CA ASN A 179 16.86 5.21 -17.68
C ASN A 179 17.19 5.17 -19.18
N GLY A 180 16.46 4.33 -19.90
CA GLY A 180 16.47 4.31 -21.36
C GLY A 180 17.42 3.31 -21.93
N ASN A 181 18.19 3.76 -22.92
CA ASN A 181 19.03 2.90 -23.72
C ASN A 181 20.48 3.34 -23.57
N ARG A 182 21.38 2.37 -23.59
CA ARG A 182 22.82 2.63 -23.62
C ARG A 182 23.23 3.22 -24.97
N VAL A 183 23.83 4.40 -25.00
CA VAL A 183 24.16 5.04 -26.30
C VAL A 183 25.68 5.28 -26.49
N ALA A 184 26.46 5.06 -25.43
CA ALA A 184 27.92 5.20 -25.46
C ALA A 184 28.50 4.43 -24.28
N GLN A 185 29.75 4.02 -24.43
CA GLN A 185 30.48 3.32 -23.38
C GLN A 185 31.97 3.38 -23.71
N GLY A 186 32.80 3.42 -22.69
CA GLY A 186 34.24 3.46 -22.88
C GLY A 186 34.95 3.05 -21.62
N GLU A 187 36.26 2.88 -21.75
CA GLU A 187 37.12 2.58 -20.64
C GLU A 187 38.10 3.70 -20.42
N LEU A 188 38.57 3.81 -19.18
CA LEU A 188 39.50 4.85 -18.82
C LEU A 188 40.69 4.23 -18.09
N GLU A 189 41.75 5.01 -17.95
CA GLU A 189 42.87 4.63 -17.07
C GLU A 189 42.43 4.64 -15.59
N ASN A 190 43.27 4.02 -14.75
CA ASN A 190 43.03 3.92 -13.31
C ASN A 190 41.87 2.96 -12.97
N GLY A 191 41.57 2.06 -13.91
CA GLY A 191 40.55 1.03 -13.70
C GLY A 191 39.09 1.48 -13.70
N ARG A 192 38.82 2.64 -14.29
CA ARG A 192 37.46 3.18 -14.43
C ARG A 192 36.85 2.82 -15.80
N HIS A 193 35.52 2.80 -15.83
CA HIS A 193 34.79 2.72 -17.08
C HIS A 193 33.57 3.65 -17.01
N TRP A 194 32.90 3.82 -18.15
CA TRP A 194 31.76 4.70 -18.22
C TRP A 194 30.73 4.20 -19.19
N VAL A 195 29.49 4.59 -18.93
CA VAL A 195 28.38 4.23 -19.78
C VAL A 195 27.50 5.47 -19.88
N GLN A 196 26.94 5.73 -21.05
CA GLN A 196 25.99 6.81 -21.19
C GLN A 196 24.65 6.25 -21.64
N TRP A 197 23.59 6.76 -21.01
CA TRP A 197 22.21 6.34 -21.21
C TRP A 197 21.40 7.51 -21.74
N GLN A 198 20.42 7.20 -22.57
CA GLN A 198 19.56 8.21 -23.07
C GLN A 198 18.11 7.69 -23.05
N ASP A 199 17.22 8.53 -22.58
CA ASP A 199 15.81 8.18 -22.48
C ASP A 199 15.07 9.22 -23.32
N PRO A 200 14.44 8.81 -24.44
CA PRO A 200 13.84 9.79 -25.31
C PRO A 200 12.59 10.48 -24.74
N PHE A 201 11.94 9.88 -23.75
CA PHE A 201 10.70 10.48 -23.22
C PHE A 201 10.98 11.57 -22.21
N PRO A 202 10.46 12.79 -22.42
CA PRO A 202 10.54 13.82 -21.37
C PRO A 202 9.99 13.31 -20.05
N LYS A 203 10.67 13.60 -18.94
CA LYS A 203 10.25 13.09 -17.66
C LYS A 203 10.45 14.11 -16.55
N PRO A 204 9.58 14.08 -15.54
CA PRO A 204 9.86 14.85 -14.31
C PRO A 204 11.03 14.15 -13.65
N CYS A 205 11.82 14.87 -12.84
CA CYS A 205 13.04 14.25 -12.27
C CYS A 205 12.77 13.15 -11.23
N TYR A 206 11.57 13.05 -10.68
CA TYR A 206 11.33 11.97 -9.68
C TYR A 206 11.44 10.61 -10.32
N LEU A 207 11.35 10.56 -11.65
CA LEU A 207 11.45 9.28 -12.38
C LEU A 207 12.92 8.97 -12.80
N PHE A 208 13.83 9.89 -12.48
CA PHE A 208 15.23 9.59 -12.69
C PHE A 208 15.69 8.42 -11.81
N ALA A 209 16.51 7.52 -12.36
CA ALA A 209 17.14 6.48 -11.57
C ALA A 209 18.58 6.23 -11.99
N LEU A 210 19.39 5.77 -11.03
CA LEU A 210 20.79 5.40 -11.27
C LEU A 210 21.10 4.22 -10.38
N VAL A 211 21.77 3.21 -10.92
CA VAL A 211 22.15 2.02 -10.16
C VAL A 211 23.57 1.68 -10.58
N ALA A 212 24.43 1.40 -9.61
CA ALA A 212 25.78 0.93 -9.90
C ALA A 212 26.11 -0.20 -8.93
N GLY A 213 26.67 -1.28 -9.45
CA GLY A 213 27.02 -2.39 -8.58
C GLY A 213 27.36 -3.63 -9.34
N ASP A 214 27.46 -4.74 -8.63
CA ASP A 214 27.82 -6.01 -9.23
C ASP A 214 26.63 -6.93 -8.95
N PHE A 215 26.03 -7.46 -10.00
CA PHE A 215 24.77 -8.19 -9.86
C PHE A 215 24.81 -9.47 -10.68
N ASP A 216 23.97 -10.44 -10.32
CA ASP A 216 23.54 -11.47 -11.24
C ASP A 216 22.35 -10.89 -12.03
N VAL A 217 22.21 -11.26 -13.29
CA VAL A 217 21.16 -10.71 -14.15
C VAL A 217 20.39 -11.88 -14.78
N LEU A 218 19.09 -11.94 -14.56
CA LEU A 218 18.20 -12.82 -15.29
C LEU A 218 17.70 -12.05 -16.53
N ARG A 219 17.88 -12.62 -17.72
CA ARG A 219 17.49 -11.93 -18.95
C ARG A 219 16.43 -12.73 -19.67
N ASP A 220 15.48 -12.04 -20.27
CA ASP A 220 14.39 -12.71 -20.95
C ASP A 220 13.87 -11.69 -21.95
N THR A 221 12.79 -12.01 -22.63
CA THR A 221 12.25 -11.10 -23.65
C THR A 221 10.74 -11.17 -23.63
N PHE A 222 10.10 -10.05 -24.00
CA PHE A 222 8.68 -10.02 -24.23
C PHE A 222 8.47 -9.33 -25.58
N THR A 223 7.60 -9.90 -26.40
CA THR A 223 7.21 -9.28 -27.67
C THR A 223 5.81 -8.72 -27.55
N THR A 224 5.68 -7.42 -27.77
CA THR A 224 4.41 -6.78 -27.59
C THR A 224 3.44 -7.24 -28.69
N ARG A 225 2.16 -6.97 -28.50
CA ARG A 225 1.16 -7.37 -29.46
C ARG A 225 1.47 -6.85 -30.88
N SER A 226 2.06 -5.65 -31.00
CA SER A 226 2.40 -5.12 -32.35
C SER A 226 3.77 -5.58 -32.86
N GLY A 227 4.50 -6.38 -32.08
CA GLY A 227 5.72 -7.01 -32.53
C GLY A 227 7.00 -6.37 -32.03
N ARG A 228 6.90 -5.40 -31.14
CA ARG A 228 8.08 -4.81 -30.57
C ARG A 228 8.72 -5.78 -29.54
N GLU A 229 10.02 -6.03 -29.71
CA GLU A 229 10.73 -6.95 -28.85
C GLU A 229 11.37 -6.15 -27.74
N VAL A 230 11.10 -6.58 -26.52
CA VAL A 230 11.58 -5.86 -25.36
C VAL A 230 12.51 -6.79 -24.62
N ALA A 231 13.75 -6.35 -24.43
CA ALA A 231 14.67 -7.08 -23.53
C ALA A 231 14.25 -6.84 -22.07
N LEU A 232 14.06 -7.91 -21.32
CA LEU A 232 13.74 -7.81 -19.89
C LEU A 232 14.99 -8.16 -19.09
N GLU A 233 15.35 -7.35 -18.12
CA GLU A 233 16.55 -7.65 -17.33
C GLU A 233 16.29 -7.42 -15.86
N LEU A 234 16.49 -8.47 -15.06
CA LEU A 234 16.29 -8.37 -13.62
C LEU A 234 17.63 -8.53 -12.90
N TYR A 235 18.06 -7.48 -12.20
CA TYR A 235 19.32 -7.43 -11.47
C TYR A 235 19.05 -7.75 -10.01
N VAL A 236 19.79 -8.75 -9.50
CA VAL A 236 19.68 -9.20 -8.10
C VAL A 236 21.11 -9.33 -7.53
N ASP A 237 21.26 -9.33 -6.21
CA ASP A 237 22.60 -9.53 -5.63
C ASP A 237 23.13 -10.86 -6.10
N ARG A 238 24.46 -10.97 -6.21
N ARG A 238 24.46 -10.97 -6.23
CA ARG A 238 25.11 -12.25 -6.54
CA ARG A 238 25.09 -12.24 -6.60
C ARG A 238 24.60 -13.35 -5.63
C ARG A 238 24.65 -13.36 -5.65
N GLY A 239 24.17 -14.47 -6.23
CA GLY A 239 23.71 -15.62 -5.45
C GLY A 239 22.20 -15.72 -5.37
N ASN A 240 21.48 -14.70 -5.88
CA ASN A 240 20.02 -14.61 -5.75
C ASN A 240 19.24 -14.98 -7.01
N LEU A 241 19.95 -15.45 -8.01
CA LEU A 241 19.33 -15.82 -9.26
C LEU A 241 18.31 -16.96 -9.07
N ASP A 242 18.49 -17.84 -8.08
CA ASP A 242 17.48 -18.88 -7.77
C ASP A 242 16.12 -18.29 -7.29
N ARG A 243 16.09 -17.00 -6.95
CA ARG A 243 14.87 -16.39 -6.44
C ARG A 243 14.25 -15.40 -7.43
N ALA A 244 14.75 -15.38 -8.66
CA ALA A 244 14.33 -14.38 -9.67
C ALA A 244 13.21 -14.74 -10.68
N PRO A 245 13.11 -16.01 -11.14
CA PRO A 245 12.09 -16.38 -12.17
C PRO A 245 10.65 -15.98 -11.92
N TRP A 246 10.16 -16.06 -10.68
CA TRP A 246 8.74 -15.70 -10.49
C TRP A 246 8.44 -14.21 -10.81
N ALA A 247 9.36 -13.34 -10.44
CA ALA A 247 9.18 -11.92 -10.71
C ALA A 247 9.28 -11.65 -12.22
N MET A 248 10.19 -12.36 -12.90
CA MET A 248 10.28 -12.26 -14.36
C MET A 248 8.99 -12.73 -14.99
N THR A 249 8.46 -13.86 -14.51
CA THR A 249 7.20 -14.37 -15.01
C THR A 249 6.04 -13.37 -14.83
N SER A 250 5.97 -12.78 -13.62
CA SER A 250 4.96 -11.77 -13.27
C SER A 250 5.06 -10.52 -14.16
N LEU A 251 6.29 -10.13 -14.51
CA LEU A 251 6.51 -8.98 -15.40
C LEU A 251 5.91 -9.30 -16.76
N LYS A 252 6.21 -10.47 -17.30
CA LYS A 252 5.61 -10.84 -18.60
C LYS A 252 4.08 -10.92 -18.46
N ASN A 253 3.58 -11.51 -17.38
CA ASN A 253 2.13 -11.53 -17.14
C ASN A 253 1.53 -10.13 -17.12
N SER A 254 2.18 -9.21 -16.45
CA SER A 254 1.71 -7.80 -16.34
C SER A 254 1.65 -7.15 -17.71
N MET A 255 2.71 -7.35 -18.48
CA MET A 255 2.77 -6.79 -19.85
C MET A 255 1.64 -7.30 -20.73
N LYS A 256 1.45 -8.60 -20.72
CA LYS A 256 0.37 -9.24 -21.49
C LYS A 256 -1.01 -8.74 -21.03
N TRP A 257 -1.21 -8.65 -19.71
CA TRP A 257 -2.51 -8.23 -19.20
C TRP A 257 -2.82 -6.77 -19.57
N ASP A 258 -1.82 -5.90 -19.49
CA ASP A 258 -2.11 -4.48 -19.81
C ASP A 258 -2.49 -4.35 -21.30
N GLU A 259 -1.89 -5.18 -22.15
CA GLU A 259 -2.31 -5.23 -23.55
C GLU A 259 -3.76 -5.70 -23.69
N GLU A 260 -4.11 -6.82 -23.06
CA GLU A 260 -5.48 -7.38 -23.20
C GLU A 260 -6.56 -6.53 -22.57
N ARG A 261 -6.31 -6.07 -21.34
CA ARG A 261 -7.32 -5.31 -20.61
C ARG A 261 -7.43 -3.84 -20.98
N PHE A 262 -6.29 -3.15 -21.08
CA PHE A 262 -6.31 -1.72 -21.27
C PHE A 262 -5.84 -1.31 -22.68
N GLY A 263 -5.36 -2.28 -23.47
CA GLY A 263 -4.83 -1.98 -24.77
C GLY A 263 -3.52 -1.21 -24.75
N LEU A 264 -2.69 -1.43 -23.72
CA LEU A 264 -1.47 -0.64 -23.56
C LEU A 264 -0.24 -1.49 -23.79
N GLU A 265 0.70 -0.97 -24.59
CA GLU A 265 1.97 -1.65 -24.82
C GLU A 265 3.14 -0.87 -24.23
N TYR A 266 4.19 -1.59 -23.85
CA TYR A 266 5.43 -0.96 -23.43
C TYR A 266 6.08 -0.19 -24.62
N ASP A 267 6.77 0.90 -24.31
CA ASP A 267 7.11 1.90 -25.31
C ASP A 267 8.63 2.05 -25.50
N LEU A 268 9.41 1.21 -24.82
CA LEU A 268 10.87 1.24 -24.93
C LEU A 268 11.37 -0.13 -25.32
N ASP A 269 12.69 -0.28 -25.38
CA ASP A 269 13.35 -1.46 -25.94
C ASP A 269 13.87 -2.38 -24.81
N ILE A 270 14.07 -1.81 -23.63
CA ILE A 270 14.61 -2.52 -22.48
C ILE A 270 13.72 -2.20 -21.26
N TYR A 271 13.44 -3.22 -20.47
CA TYR A 271 12.77 -3.04 -19.17
C TYR A 271 13.72 -3.62 -18.12
N MET A 272 14.29 -2.76 -17.28
CA MET A 272 15.16 -3.20 -16.21
C MET A 272 14.46 -3.11 -14.85
N ILE A 273 14.69 -4.11 -14.02
CA ILE A 273 14.27 -4.05 -12.61
C ILE A 273 15.47 -4.37 -11.77
N VAL A 274 15.71 -3.60 -10.70
CA VAL A 274 16.82 -3.90 -9.78
C VAL A 274 16.25 -4.19 -8.36
N ALA A 275 16.61 -5.33 -7.77
CA ALA A 275 16.18 -5.63 -6.42
C ALA A 275 17.24 -5.17 -5.43
N VAL A 276 16.88 -4.27 -4.52
CA VAL A 276 17.81 -3.79 -3.50
C VAL A 276 17.34 -4.11 -2.09
N ASP A 277 18.27 -4.36 -1.18
N ASP A 277 18.33 -4.31 -1.22
CA ASP A 277 17.87 -4.76 0.15
CA ASP A 277 18.17 -4.79 0.16
C ASP A 277 17.47 -3.56 0.99
C ASP A 277 17.76 -3.65 1.11
N PHE A 278 18.09 -2.41 0.71
CA PHE A 278 17.85 -1.20 1.52
C PHE A 278 16.96 -0.23 0.73
N PHE A 279 15.71 -0.14 1.16
CA PHE A 279 14.70 0.63 0.42
C PHE A 279 13.59 1.01 1.40
N ASN A 280 13.23 2.28 1.43
CA ASN A 280 12.22 2.79 2.35
C ASN A 280 10.79 2.46 1.91
N MET A 281 10.61 2.19 0.63
CA MET A 281 9.28 1.92 0.05
C MET A 281 9.20 0.45 -0.38
N GLY A 282 8.13 0.09 -1.07
CA GLY A 282 8.00 -1.22 -1.67
C GLY A 282 8.72 -1.25 -3.02
N ALA A 283 8.48 -0.27 -3.86
CA ALA A 283 9.10 -0.23 -5.20
C ALA A 283 8.79 1.09 -5.85
N MET A 284 9.61 1.45 -6.85
CA MET A 284 9.44 2.71 -7.55
C MET A 284 9.47 2.53 -9.06
N GLU A 285 8.68 3.33 -9.78
CA GLU A 285 8.39 3.11 -11.18
C GLU A 285 9.31 3.87 -12.18
N ASN A 286 10.55 4.17 -11.80
CA ASN A 286 11.47 4.93 -12.65
C ASN A 286 11.46 4.39 -14.07
N LYS A 287 11.29 5.29 -15.05
CA LYS A 287 11.05 4.89 -16.44
C LYS A 287 12.13 3.91 -16.94
N GLY A 288 11.72 2.66 -17.24
CA GLY A 288 12.58 1.66 -17.87
C GLY A 288 13.60 1.09 -16.94
N LEU A 289 13.60 1.57 -15.69
CA LEU A 289 14.54 1.11 -14.68
C LEU A 289 13.91 1.15 -13.28
N ASN A 290 13.00 0.23 -12.99
CA ASN A 290 12.32 0.22 -11.70
C ASN A 290 13.31 -0.23 -10.64
N ILE A 291 13.20 0.30 -9.43
CA ILE A 291 14.00 -0.18 -8.31
C ILE A 291 13.01 -0.70 -7.25
N PHE A 292 13.24 -1.94 -6.80
CA PHE A 292 12.31 -2.69 -5.95
C PHE A 292 13.00 -3.05 -4.66
N ASN A 293 12.27 -2.93 -3.55
CA ASN A 293 12.65 -3.59 -2.32
C ASN A 293 12.70 -5.08 -2.68
N SER A 294 13.77 -5.76 -2.31
CA SER A 294 13.88 -7.17 -2.68
C SER A 294 12.75 -8.04 -2.10
N LYS A 295 12.01 -7.56 -1.08
CA LYS A 295 10.83 -8.29 -0.54
C LYS A 295 9.79 -8.46 -1.63
N TYR A 296 9.79 -7.57 -2.62
CA TYR A 296 8.80 -7.69 -3.68
C TYR A 296 9.38 -8.23 -4.99
N VAL A 297 10.51 -8.94 -4.88
CA VAL A 297 11.13 -9.60 -6.04
C VAL A 297 11.44 -11.08 -5.74
N LEU A 298 12.13 -11.31 -4.62
CA LEU A 298 12.81 -12.60 -4.38
C LEU A 298 11.90 -13.64 -3.78
N ALA A 299 11.71 -14.75 -4.50
CA ALA A 299 10.88 -15.85 -4.04
C ALA A 299 11.42 -17.20 -4.52
N ARG A 300 11.41 -18.14 -3.58
CA ARG A 300 11.70 -19.56 -3.83
C ARG A 300 10.65 -20.27 -2.95
N THR A 301 10.29 -21.51 -3.28
CA THR A 301 9.18 -22.16 -2.52
C THR A 301 9.56 -22.41 -1.05
N ASP A 302 10.85 -22.55 -0.76
CA ASP A 302 11.27 -22.71 0.64
C ASP A 302 11.45 -21.39 1.43
N THR A 303 11.43 -20.24 0.75
CA THR A 303 11.65 -18.94 1.39
C THR A 303 10.41 -18.05 1.42
N ALA A 304 9.45 -18.33 0.56
CA ALA A 304 8.36 -17.40 0.35
C ALA A 304 7.05 -18.12 0.40
N THR A 305 6.04 -17.42 0.92
CA THR A 305 4.68 -17.95 1.10
C THR A 305 3.82 -17.63 -0.13
N ASP A 306 2.64 -18.25 -0.22
CA ASP A 306 1.68 -17.94 -1.27
C ASP A 306 1.46 -16.45 -1.27
N LYS A 307 1.34 -15.86 -0.09
CA LYS A 307 1.09 -14.43 0.02
C LYS A 307 2.26 -13.60 -0.57
N ASP A 308 3.50 -13.98 -0.29
CA ASP A 308 4.68 -13.35 -0.94
C ASP A 308 4.61 -13.44 -2.45
N TYR A 309 4.28 -14.62 -2.98
CA TYR A 309 4.14 -14.78 -4.45
C TYR A 309 3.08 -13.83 -5.01
N LEU A 310 1.89 -13.80 -4.39
CA LEU A 310 0.82 -12.90 -4.84
C LEU A 310 1.19 -11.42 -4.67
N ASP A 311 1.96 -11.07 -3.65
CA ASP A 311 2.41 -9.68 -3.44
C ASP A 311 3.46 -9.27 -4.50
N ILE A 312 4.34 -10.20 -4.83
CA ILE A 312 5.34 -9.93 -5.89
C ILE A 312 4.60 -9.65 -7.20
N GLU A 313 3.61 -10.47 -7.50
CA GLU A 313 2.81 -10.29 -8.71
C GLU A 313 2.15 -8.90 -8.72
N ARG A 314 1.52 -8.57 -7.60
CA ARG A 314 0.82 -7.29 -7.44
C ARG A 314 1.75 -6.09 -7.66
N VAL A 315 2.95 -6.14 -7.07
CA VAL A 315 3.84 -4.99 -7.05
C VAL A 315 4.65 -4.90 -8.35
N ILE A 316 5.12 -6.03 -8.87
CA ILE A 316 5.64 -6.06 -10.24
C ILE A 316 4.61 -5.44 -11.18
N GLY A 317 3.36 -5.88 -11.10
CA GLY A 317 2.33 -5.32 -11.98
C GLY A 317 2.15 -3.83 -11.73
N HIS A 318 1.96 -3.45 -10.47
CA HIS A 318 1.78 -2.04 -10.12
C HIS A 318 2.84 -1.13 -10.79
N GLU A 319 4.14 -1.43 -10.60
CA GLU A 319 5.18 -0.55 -11.14
C GLU A 319 5.16 -0.57 -12.69
N TYR A 320 4.84 -1.73 -13.27
CA TYR A 320 4.71 -1.81 -14.72
C TYR A 320 3.51 -0.95 -15.18
N PHE A 321 2.38 -1.02 -14.48
CA PHE A 321 1.19 -0.25 -14.87
C PHE A 321 1.40 1.26 -14.80
N HIS A 322 2.31 1.71 -13.92
CA HIS A 322 2.73 3.12 -13.84
C HIS A 322 3.38 3.63 -15.13
N ASN A 323 3.85 2.71 -15.99
CA ASN A 323 4.48 3.19 -17.23
C ASN A 323 3.56 4.12 -18.02
N TRP A 324 2.25 3.84 -17.97
CA TRP A 324 1.25 4.71 -18.57
C TRP A 324 0.62 5.64 -17.55
N THR A 325 0.15 5.08 -16.41
CA THR A 325 -0.57 5.88 -15.42
C THR A 325 0.44 6.37 -14.37
N GLY A 326 1.20 7.41 -14.74
CA GLY A 326 2.29 7.89 -13.90
C GLY A 326 3.43 8.41 -14.79
N ASN A 327 3.85 7.63 -15.80
CA ASN A 327 5.02 8.01 -16.59
C ASN A 327 4.61 8.74 -17.87
N ARG A 328 3.91 8.06 -18.78
CA ARG A 328 3.45 8.72 -20.03
C ARG A 328 2.52 9.88 -19.72
N VAL A 329 1.73 9.75 -18.65
CA VAL A 329 0.99 10.90 -18.12
C VAL A 329 1.36 10.99 -16.66
N THR A 330 1.97 12.10 -16.25
CA THR A 330 2.45 12.26 -14.89
C THR A 330 1.59 13.27 -14.12
N CYS A 331 2.07 13.72 -12.97
CA CYS A 331 1.30 14.55 -12.04
C CYS A 331 1.79 16.00 -12.14
N ARG A 332 0.86 16.95 -12.29
CA ARG A 332 1.20 18.37 -12.35
C ARG A 332 1.91 18.82 -11.09
N ASP A 333 1.45 18.32 -9.94
CA ASP A 333 2.03 18.69 -8.65
C ASP A 333 1.77 17.52 -7.72
N TRP A 334 2.37 17.52 -6.54
CA TRP A 334 2.26 16.37 -5.65
C TRP A 334 0.91 16.20 -4.95
N PHE A 335 0.10 17.25 -4.92
CA PHE A 335 -1.27 17.14 -4.41
C PHE A 335 -2.10 16.23 -5.32
N GLN A 336 -1.66 16.04 -6.57
CA GLN A 336 -2.32 15.12 -7.52
C GLN A 336 -1.77 13.70 -7.41
N LEU A 337 -1.06 13.36 -6.33
CA LEU A 337 -0.43 12.02 -6.24
C LEU A 337 -1.44 10.88 -6.51
N SER A 338 -2.68 11.02 -6.03
CA SER A 338 -3.68 9.98 -6.23
C SER A 338 -3.98 9.72 -7.69
N LEU A 339 -3.78 10.73 -8.54
CA LEU A 339 -4.00 10.58 -9.99
C LEU A 339 -3.18 9.37 -10.52
N LYS A 340 -1.95 9.21 -10.07
CA LYS A 340 -1.18 8.04 -10.46
C LYS A 340 -1.35 6.85 -9.53
N GLU A 341 -1.39 7.09 -8.21
CA GLU A 341 -1.38 5.98 -7.24
C GLU A 341 -2.73 5.29 -7.12
N GLY A 342 -3.82 6.06 -7.06
CA GLY A 342 -5.15 5.44 -6.98
C GLY A 342 -5.46 4.65 -8.25
N LEU A 343 -5.22 5.28 -9.40
CA LEU A 343 -5.45 4.66 -10.70
C LEU A 343 -4.56 3.42 -10.90
N THR A 344 -3.30 3.53 -10.51
CA THR A 344 -2.40 2.37 -10.63
C THR A 344 -2.72 1.23 -9.62
N VAL A 345 -3.12 1.58 -8.39
CA VAL A 345 -3.58 0.57 -7.44
C VAL A 345 -4.82 -0.12 -8.01
N PHE A 346 -5.75 0.64 -8.57
CA PHE A 346 -6.94 0.07 -9.18
C PHE A 346 -6.55 -0.94 -10.28
N ARG A 347 -5.56 -0.55 -11.11
CA ARG A 347 -5.06 -1.41 -12.17
C ARG A 347 -4.38 -2.67 -11.59
N ASP A 348 -3.54 -2.54 -10.56
CA ASP A 348 -2.93 -3.74 -9.97
C ASP A 348 -3.99 -4.69 -9.33
N GLN A 349 -5.08 -4.12 -8.80
CA GLN A 349 -6.16 -4.91 -8.22
C GLN A 349 -6.93 -5.67 -9.30
N GLU A 350 -7.20 -4.99 -10.42
CA GLU A 350 -7.84 -5.59 -11.57
C GLU A 350 -6.96 -6.69 -12.17
N PHE A 351 -5.66 -6.46 -12.23
CA PHE A 351 -4.66 -7.48 -12.66
C PHE A 351 -4.72 -8.73 -11.78
N SER A 352 -4.49 -8.56 -10.49
CA SER A 352 -4.56 -9.67 -9.53
C SER A 352 -5.90 -10.40 -9.60
N SER A 353 -6.99 -9.64 -9.68
CA SER A 353 -8.34 -10.20 -9.70
C SER A 353 -8.62 -10.98 -11.00
N ASP A 354 -8.12 -10.48 -12.15
CA ASP A 354 -8.33 -11.17 -13.44
C ASP A 354 -7.57 -12.46 -13.49
N LEU A 355 -6.34 -12.44 -12.95
CA LEU A 355 -5.51 -13.63 -12.95
C LEU A 355 -5.85 -14.63 -11.86
N GLY A 356 -6.51 -14.18 -10.79
CA GLY A 356 -6.70 -15.07 -9.63
C GLY A 356 -8.17 -15.19 -9.27
N SER A 357 -8.44 -15.07 -7.99
CA SER A 357 -9.82 -15.08 -7.51
C SER A 357 -10.24 -13.64 -7.33
N ARG A 358 -11.23 -13.19 -8.10
CA ARG A 358 -11.75 -11.85 -7.92
C ARG A 358 -12.36 -11.64 -6.50
N ALA A 359 -13.10 -12.65 -6.01
CA ALA A 359 -13.74 -12.56 -4.69
C ALA A 359 -12.69 -12.42 -3.59
N VAL A 360 -11.67 -13.29 -3.60
CA VAL A 360 -10.58 -13.20 -2.62
C VAL A 360 -9.84 -11.83 -2.66
N ASN A 361 -9.48 -11.35 -3.85
CA ASN A 361 -8.91 -10.03 -3.99
C ASN A 361 -9.79 -8.93 -3.42
N ARG A 362 -11.07 -8.93 -3.78
CA ARG A 362 -12.00 -7.91 -3.28
C ARG A 362 -12.09 -7.97 -1.75
N ILE A 363 -12.22 -9.18 -1.22
CA ILE A 363 -12.30 -9.36 0.23
C ILE A 363 -11.06 -8.77 0.93
N ASN A 364 -9.87 -9.13 0.47
CA ASN A 364 -8.64 -8.61 1.03
C ASN A 364 -8.52 -7.10 0.98
N ASN A 365 -8.92 -6.51 -0.15
CA ASN A 365 -8.84 -5.05 -0.30
C ASN A 365 -9.86 -4.32 0.58
N VAL A 366 -11.01 -4.95 0.79
CA VAL A 366 -12.04 -4.40 1.68
C VAL A 366 -11.58 -4.48 3.15
N ARG A 367 -10.92 -5.57 3.53
CA ARG A 367 -10.37 -5.67 4.89
C ARG A 367 -9.32 -4.58 5.15
N THR A 368 -8.46 -4.32 4.16
CA THR A 368 -7.52 -3.18 4.22
C THR A 368 -8.24 -1.86 4.36
N MET A 369 -9.29 -1.64 3.59
CA MET A 369 -10.05 -0.39 3.70
C MET A 369 -10.67 -0.24 5.10
N ARG A 370 -11.44 -1.25 5.51
CA ARG A 370 -12.15 -1.17 6.78
C ARG A 370 -11.25 -1.17 7.99
N GLY A 371 -10.20 -1.98 7.95
CA GLY A 371 -9.37 -2.18 9.11
C GLY A 371 -8.19 -1.21 9.24
N LEU A 372 -7.72 -0.63 8.14
CA LEU A 372 -6.52 0.21 8.17
C LEU A 372 -6.77 1.61 7.66
N GLN A 373 -7.48 1.75 6.54
CA GLN A 373 -7.66 3.06 5.94
C GLN A 373 -8.67 3.88 6.73
N PHE A 374 -9.77 3.22 7.13
CA PHE A 374 -10.82 3.87 7.93
C PHE A 374 -10.21 4.44 9.19
N ALA A 375 -9.28 3.71 9.78
CA ALA A 375 -8.60 4.18 10.99
C ALA A 375 -7.81 5.43 10.68
N GLU A 376 -7.11 5.46 9.53
CA GLU A 376 -6.38 6.67 9.15
C GLU A 376 -7.34 7.87 8.95
N ASP A 377 -8.49 7.62 8.31
CA ASP A 377 -9.49 8.67 8.08
C ASP A 377 -10.16 9.17 9.37
N ALA A 378 -10.00 8.45 10.47
CA ALA A 378 -10.51 8.87 11.78
C ALA A 378 -9.35 9.41 12.62
N SER A 379 -8.17 9.62 12.02
CA SER A 379 -6.99 10.02 12.78
C SER A 379 -6.67 11.53 12.58
N PRO A 380 -5.74 12.08 13.39
CA PRO A 380 -5.30 13.47 13.13
C PRO A 380 -4.65 13.68 11.73
N MET A 381 -4.15 12.62 11.08
CA MET A 381 -3.58 12.74 9.75
C MET A 381 -4.60 12.63 8.62
N ALA A 382 -5.89 12.64 8.96
CA ALA A 382 -6.92 12.47 7.93
C ALA A 382 -6.77 13.51 6.81
N HIS A 383 -6.95 13.09 5.55
CA HIS A 383 -6.83 13.99 4.42
C HIS A 383 -7.69 13.48 3.28
N PRO A 384 -8.17 14.37 2.38
CA PRO A 384 -8.83 13.90 1.17
C PRO A 384 -7.81 13.14 0.30
N ILE A 385 -8.30 12.35 -0.66
CA ILE A 385 -7.38 11.64 -1.55
C ILE A 385 -6.51 12.61 -2.37
N ARG A 386 -7.04 13.82 -2.60
CA ARG A 386 -6.23 14.92 -3.14
C ARG A 386 -6.05 15.93 -2.01
N PRO A 387 -4.92 15.88 -1.28
CA PRO A 387 -4.77 16.74 -0.10
C PRO A 387 -4.75 18.25 -0.48
N ASP A 388 -5.01 19.10 0.52
CA ASP A 388 -5.03 20.55 0.31
C ASP A 388 -3.81 21.20 0.94
N MET A 389 -3.17 20.48 1.85
CA MET A 389 -2.10 21.04 2.69
C MET A 389 -1.12 19.93 3.04
N VAL A 390 0.15 20.20 2.81
CA VAL A 390 1.19 19.22 3.04
C VAL A 390 2.40 19.95 3.59
N ILE A 391 3.02 19.40 4.63
CA ILE A 391 4.32 19.89 5.08
C ILE A 391 5.42 19.01 4.52
N GLU A 392 5.33 17.70 4.76
CA GLU A 392 6.31 16.76 4.20
C GLU A 392 5.58 15.76 3.25
N MET A 393 5.81 15.92 1.96
CA MET A 393 5.09 15.15 0.96
C MET A 393 5.24 13.64 1.14
N ASN A 394 6.38 13.19 1.67
CA ASN A 394 6.59 11.75 1.89
C ASN A 394 5.65 11.18 2.94
N ASN A 395 5.02 12.05 3.72
CA ASN A 395 3.98 11.63 4.67
C ASN A 395 2.64 11.31 4.01
N PHE A 396 2.52 11.59 2.70
CA PHE A 396 1.24 11.43 2.00
C PHE A 396 1.17 10.29 0.98
N TYR A 397 2.15 9.39 1.02
CA TYR A 397 2.09 8.11 0.30
C TYR A 397 1.26 7.15 1.19
N THR A 398 -0.05 7.35 1.25
CA THR A 398 -0.87 6.78 2.34
C THR A 398 -1.91 5.80 1.85
N LEU A 399 -2.49 5.07 2.80
CA LEU A 399 -3.63 4.19 2.55
C LEU A 399 -4.76 4.97 1.94
N THR A 400 -4.91 6.24 2.33
CA THR A 400 -5.93 7.08 1.75
C THR A 400 -5.63 7.36 0.27
N VAL A 401 -4.45 7.90 -0.03
CA VAL A 401 -4.12 8.27 -1.42
C VAL A 401 -4.12 7.06 -2.36
N TYR A 402 -3.57 5.95 -1.86
CA TYR A 402 -3.48 4.68 -2.61
C TYR A 402 -4.78 3.87 -2.61
N GLU A 403 -5.19 3.39 -1.43
CA GLU A 403 -6.31 2.44 -1.32
C GLU A 403 -7.66 3.08 -1.43
N LYS A 404 -7.91 4.17 -0.71
CA LYS A 404 -9.17 4.88 -0.96
C LYS A 404 -9.13 5.52 -2.36
N GLY A 405 -7.95 5.95 -2.82
CA GLY A 405 -7.88 6.57 -4.15
C GLY A 405 -8.37 5.54 -5.15
N ALA A 406 -7.97 4.29 -4.97
CA ALA A 406 -8.39 3.21 -5.87
C ALA A 406 -9.91 2.90 -5.75
N GLU A 407 -10.46 2.99 -4.53
CA GLU A 407 -11.94 2.82 -4.36
C GLU A 407 -12.73 3.87 -5.12
N VAL A 408 -12.14 5.07 -5.21
CA VAL A 408 -12.73 6.18 -5.96
C VAL A 408 -12.70 5.94 -7.47
N ILE A 409 -11.57 5.47 -8.00
CA ILE A 409 -11.49 5.02 -9.41
C ILE A 409 -12.53 3.89 -9.65
N ARG A 410 -12.57 2.92 -8.73
CA ARG A 410 -13.50 1.79 -8.83
C ARG A 410 -14.98 2.29 -8.83
N MET A 411 -15.30 3.31 -8.04
CA MET A 411 -16.63 3.95 -8.14
C MET A 411 -16.95 4.58 -9.49
N ILE A 412 -15.95 5.22 -10.12
CA ILE A 412 -16.11 5.70 -11.50
C ILE A 412 -16.37 4.48 -12.41
N HIS A 413 -15.62 3.39 -12.22
CA HIS A 413 -15.85 2.21 -13.02
C HIS A 413 -17.28 1.67 -12.82
N THR A 414 -17.75 1.65 -11.57
CA THR A 414 -19.14 1.24 -11.25
C THR A 414 -20.19 2.14 -11.93
N LEU A 415 -19.98 3.45 -11.86
CA LEU A 415 -20.90 4.39 -12.46
C LEU A 415 -20.93 4.35 -14.00
N LEU A 416 -19.81 3.98 -14.64
CA LEU A 416 -19.70 4.09 -16.11
C LEU A 416 -19.81 2.74 -16.78
N GLY A 417 -19.37 1.69 -16.10
CA GLY A 417 -19.28 0.35 -16.68
C GLY A 417 -17.97 0.23 -17.46
N GLU A 418 -17.51 -0.98 -17.73
CA GLU A 418 -16.18 -1.21 -18.32
C GLU A 418 -15.94 -0.45 -19.68
N GLU A 419 -16.90 -0.54 -20.58
CA GLU A 419 -16.80 0.05 -21.91
C GLU A 419 -16.63 1.57 -21.86
N ASN A 420 -17.51 2.26 -21.15
CA ASN A 420 -17.33 3.72 -21.00
C ASN A 420 -16.07 4.08 -20.20
N PHE A 421 -15.73 3.27 -19.20
CA PHE A 421 -14.52 3.50 -18.41
C PHE A 421 -13.28 3.44 -19.33
N GLN A 422 -13.20 2.42 -20.18
CA GLN A 422 -12.10 2.27 -21.15
C GLN A 422 -12.09 3.41 -22.16
N LYS A 423 -13.27 3.87 -22.60
CA LYS A 423 -13.36 5.09 -23.42
C LYS A 423 -12.72 6.30 -22.72
N GLY A 424 -13.00 6.44 -21.43
CA GLY A 424 -12.43 7.54 -20.66
C GLY A 424 -10.92 7.41 -20.51
N MET A 425 -10.41 6.19 -20.27
CA MET A 425 -8.95 5.97 -20.28
C MET A 425 -8.34 6.42 -21.63
N GLN A 426 -8.96 6.00 -22.74
CA GLN A 426 -8.47 6.35 -24.08
C GLN A 426 -8.46 7.86 -24.29
N LEU A 427 -9.47 8.56 -23.80
CA LEU A 427 -9.55 10.00 -23.96
C LEU A 427 -8.51 10.69 -23.07
N TYR A 428 -8.38 10.22 -21.84
CA TYR A 428 -7.35 10.68 -20.92
C TYR A 428 -5.94 10.62 -21.54
N PHE A 429 -5.56 9.49 -22.12
CA PHE A 429 -4.23 9.36 -22.71
C PHE A 429 -4.10 10.21 -23.98
N GLU A 430 -5.18 10.27 -24.76
CA GLU A 430 -5.20 11.03 -26.00
C GLU A 430 -4.93 12.51 -25.68
N ARG A 431 -5.59 13.01 -24.63
CA ARG A 431 -5.43 14.39 -24.24
C ARG A 431 -4.12 14.69 -23.53
N HIS A 432 -3.64 13.74 -22.72
CA HIS A 432 -2.62 14.07 -21.75
C HIS A 432 -1.28 13.35 -21.89
N ASP A 433 -1.16 12.45 -22.86
CA ASP A 433 0.08 11.71 -23.13
C ASP A 433 1.20 12.73 -23.34
N GLY A 434 2.29 12.59 -22.58
CA GLY A 434 3.44 13.48 -22.68
C GLY A 434 3.34 14.73 -21.84
N SER A 435 2.39 14.80 -20.92
CA SER A 435 2.29 15.96 -20.05
C SER A 435 2.00 15.57 -18.60
N ALA A 436 1.98 16.55 -17.70
CA ALA A 436 1.67 16.39 -16.31
C ALA A 436 0.21 16.82 -16.12
N ALA A 437 -0.62 15.96 -15.52
CA ALA A 437 -2.06 16.23 -15.45
C ALA A 437 -2.54 16.35 -14.02
N THR A 438 -3.83 16.63 -13.88
CA THR A 438 -4.46 16.76 -12.55
C THR A 438 -5.56 15.70 -12.37
N CYS A 439 -5.90 15.42 -11.11
CA CYS A 439 -7.10 14.61 -10.84
C CYS A 439 -8.30 15.16 -11.61
N ASP A 440 -8.46 16.48 -11.61
CA ASP A 440 -9.62 17.02 -12.33
C ASP A 440 -9.61 16.71 -13.82
N ASP A 441 -8.41 16.73 -14.45
CA ASP A 441 -8.30 16.35 -15.87
C ASP A 441 -8.82 14.93 -16.10
N PHE A 442 -8.45 14.02 -15.22
CA PHE A 442 -8.86 12.60 -15.34
C PHE A 442 -10.38 12.43 -15.23
N VAL A 443 -10.98 13.05 -14.22
CA VAL A 443 -12.45 13.04 -14.07
C VAL A 443 -13.14 13.65 -15.29
N GLN A 444 -12.61 14.78 -15.77
CA GLN A 444 -13.16 15.41 -16.98
C GLN A 444 -13.16 14.47 -18.19
N ALA A 445 -12.05 13.73 -18.39
CA ALA A 445 -11.98 12.76 -19.50
C ALA A 445 -13.04 11.66 -19.35
N MET A 446 -13.19 11.16 -18.14
CA MET A 446 -14.18 10.13 -17.84
C MET A 446 -15.60 10.64 -18.14
N GLU A 447 -15.87 11.87 -17.74
CA GLU A 447 -17.16 12.50 -17.93
C GLU A 447 -17.43 12.79 -19.42
N ASP A 448 -16.43 13.33 -20.12
CA ASP A 448 -16.59 13.63 -21.55
C ASP A 448 -16.75 12.38 -22.39
N ALA A 449 -16.02 11.29 -22.08
CA ALA A 449 -16.12 10.10 -22.91
C ALA A 449 -17.43 9.32 -22.71
N SER A 450 -18.01 9.43 -21.51
CA SER A 450 -19.13 8.60 -21.12
C SER A 450 -20.47 9.32 -21.16
N ASN A 451 -20.43 10.64 -21.11
N ASN A 451 -20.45 10.65 -21.10
CA ASN A 451 -21.61 11.48 -20.91
CA ASN A 451 -21.66 11.46 -20.91
C ASN A 451 -22.31 11.18 -19.57
C ASN A 451 -22.27 11.33 -19.50
N VAL A 452 -21.53 10.70 -18.58
CA VAL A 452 -22.01 10.55 -17.18
C VAL A 452 -21.57 11.80 -16.41
N ASP A 453 -22.51 12.46 -15.74
CA ASP A 453 -22.21 13.70 -15.03
C ASP A 453 -21.51 13.32 -13.74
N LEU A 454 -20.26 13.78 -13.57
CA LEU A 454 -19.48 13.49 -12.38
C LEU A 454 -19.20 14.71 -11.52
N SER A 455 -19.96 15.78 -11.69
CA SER A 455 -19.63 16.99 -10.91
C SER A 455 -19.84 16.87 -9.38
N HIS A 456 -20.91 16.23 -8.96
CA HIS A 456 -21.10 15.95 -7.52
C HIS A 456 -20.07 14.90 -7.07
N PHE A 457 -19.87 13.91 -7.92
CA PHE A 457 -18.87 12.87 -7.65
C PHE A 457 -17.48 13.42 -7.28
N ARG A 458 -17.10 14.55 -7.90
CA ARG A 458 -15.79 15.18 -7.65
C ARG A 458 -15.53 15.46 -6.19
N ARG A 459 -16.59 15.64 -5.40
CA ARG A 459 -16.46 15.84 -3.96
C ARG A 459 -15.67 14.74 -3.22
N TRP A 460 -15.61 13.54 -3.78
CA TRP A 460 -14.79 12.47 -3.16
C TRP A 460 -13.28 12.81 -3.14
N TYR A 461 -12.87 13.72 -4.03
CA TYR A 461 -11.47 14.14 -4.11
C TYR A 461 -11.13 15.17 -3.06
N SER A 462 -12.12 15.94 -2.61
CA SER A 462 -11.81 17.08 -1.72
C SER A 462 -12.33 16.96 -0.27
N GLN A 463 -13.04 15.87 0.02
CA GLN A 463 -13.57 15.68 1.37
C GLN A 463 -12.93 14.46 2.02
N SER A 464 -12.41 14.65 3.23
CA SER A 464 -11.78 13.58 3.99
C SER A 464 -12.83 12.88 4.89
N GLY A 465 -12.44 11.78 5.55
CA GLY A 465 -13.37 11.10 6.44
C GLY A 465 -14.20 10.03 5.74
N THR A 466 -14.69 9.07 6.52
CA THR A 466 -15.49 7.96 5.99
C THR A 466 -16.99 8.28 6.12
N PRO A 467 -17.75 8.30 4.99
CA PRO A 467 -19.21 8.45 5.18
C PRO A 467 -19.86 7.23 5.88
N ILE A 468 -20.89 7.51 6.68
CA ILE A 468 -21.71 6.50 7.29
C ILE A 468 -23.04 6.51 6.59
N VAL A 469 -23.40 5.38 5.98
CA VAL A 469 -24.67 5.26 5.29
C VAL A 469 -25.63 4.44 6.17
N THR A 470 -26.77 5.05 6.50
CA THR A 470 -27.78 4.44 7.35
C THR A 470 -28.97 4.07 6.48
N VAL A 471 -29.39 2.82 6.59
CA VAL A 471 -30.48 2.30 5.75
C VAL A 471 -31.63 1.78 6.65
N LYS A 472 -32.84 2.21 6.33
CA LYS A 472 -34.05 1.68 6.94
C LYS A 472 -34.93 1.20 5.81
N ASP A 473 -35.59 0.07 6.02
CA ASP A 473 -36.46 -0.50 5.01
C ASP A 473 -37.87 -0.77 5.50
N ASP A 474 -38.75 -1.02 4.57
CA ASP A 474 -40.13 -1.27 4.87
C ASP A 474 -40.72 -2.08 3.72
N TYR A 475 -41.38 -3.20 4.05
CA TYR A 475 -42.14 -3.95 3.06
C TYR A 475 -43.63 -3.79 3.27
N ASN A 476 -44.32 -3.33 2.22
CA ASN A 476 -45.76 -3.13 2.24
C ASN A 476 -46.48 -4.26 1.52
N PRO A 477 -47.12 -5.17 2.29
CA PRO A 477 -47.81 -6.30 1.66
C PRO A 477 -49.05 -5.89 0.83
N GLU A 478 -49.70 -4.79 1.17
CA GLU A 478 -50.87 -4.38 0.40
C GLU A 478 -50.47 -3.90 -1.00
N THR A 479 -49.34 -3.20 -1.11
CA THR A 479 -48.92 -2.63 -2.40
C THR A 479 -47.82 -3.44 -3.09
N GLU A 480 -47.25 -4.41 -2.38
CA GLU A 480 -46.10 -5.18 -2.83
C GLU A 480 -44.93 -4.27 -3.23
N GLN A 481 -44.65 -3.33 -2.34
CA GLN A 481 -43.55 -2.39 -2.51
C GLN A 481 -42.57 -2.50 -1.37
N TYR A 482 -41.30 -2.43 -1.74
CA TYR A 482 -40.20 -2.34 -0.81
C TYR A 482 -39.56 -0.99 -0.88
N THR A 483 -39.50 -0.31 0.26
CA THR A 483 -38.95 1.03 0.35
C THR A 483 -37.66 1.02 1.17
N LEU A 484 -36.58 1.55 0.59
CA LEU A 484 -35.35 1.86 1.33
C LEU A 484 -35.22 3.34 1.58
N THR A 485 -35.09 3.73 2.83
CA THR A 485 -34.81 5.09 3.25
C THR A 485 -33.33 5.11 3.62
N ILE A 486 -32.55 5.84 2.81
CA ILE A 486 -31.11 5.85 2.92
C ILE A 486 -30.63 7.25 3.28
N SER A 487 -29.81 7.35 4.32
CA SER A 487 -29.18 8.62 4.61
C SER A 487 -27.68 8.49 4.70
N GLN A 488 -26.99 9.62 4.70
CA GLN A 488 -25.55 9.64 4.76
C GLN A 488 -25.13 10.83 5.57
N ARG A 489 -24.03 10.67 6.31
CA ARG A 489 -23.31 11.79 6.88
C ARG A 489 -21.86 11.39 6.99
N THR A 490 -20.97 12.36 6.91
CA THR A 490 -19.58 12.15 7.21
C THR A 490 -19.28 12.96 8.47
N PRO A 491 -18.82 12.31 9.53
CA PRO A 491 -18.48 13.11 10.70
C PRO A 491 -17.34 14.11 10.39
N ALA A 492 -17.37 15.28 11.02
CA ALA A 492 -16.26 16.22 10.90
C ALA A 492 -14.92 15.51 11.24
N THR A 493 -13.85 15.96 10.61
CA THR A 493 -12.51 15.45 10.87
C THR A 493 -11.64 16.62 11.31
N PRO A 494 -10.46 16.35 11.91
CA PRO A 494 -9.61 17.46 12.39
C PRO A 494 -9.24 18.47 11.31
N ASP A 495 -9.19 18.04 10.04
CA ASP A 495 -8.75 18.91 8.95
C ASP A 495 -9.87 19.74 8.30
N GLN A 496 -11.14 19.35 8.51
CA GLN A 496 -12.28 19.92 7.80
C GLN A 496 -13.53 19.98 8.69
N ALA A 497 -13.93 21.18 9.07
CA ALA A 497 -15.15 21.37 9.89
C ALA A 497 -16.42 21.20 9.07
N GLU A 498 -16.33 21.39 7.76
CA GLU A 498 -17.51 21.31 6.94
C GLU A 498 -17.51 20.03 6.12
N LYS A 499 -18.66 19.35 6.07
CA LYS A 499 -18.88 18.13 5.29
C LYS A 499 -20.18 18.25 4.56
N GLN A 500 -20.25 17.63 3.39
CA GLN A 500 -21.41 17.66 2.52
C GLN A 500 -21.68 16.25 2.05
N PRO A 501 -22.90 16.00 1.56
CA PRO A 501 -23.28 14.73 0.94
C PRO A 501 -22.44 14.41 -0.29
N LEU A 502 -22.11 13.13 -0.45
CA LEU A 502 -21.33 12.64 -1.60
C LEU A 502 -22.23 11.91 -2.57
N HIS A 503 -21.72 11.66 -3.79
CA HIS A 503 -22.46 10.85 -4.75
C HIS A 503 -21.98 9.43 -4.50
N ILE A 504 -22.82 8.67 -3.79
CA ILE A 504 -22.49 7.32 -3.34
C ILE A 504 -23.22 6.29 -4.21
N PRO A 505 -22.45 5.51 -5.02
CA PRO A 505 -23.07 4.44 -5.75
C PRO A 505 -23.37 3.32 -4.76
N PHE A 506 -24.64 2.95 -4.63
CA PHE A 506 -25.03 2.05 -3.56
C PHE A 506 -25.68 0.83 -4.17
N ALA A 507 -24.91 -0.22 -4.38
CA ALA A 507 -25.40 -1.41 -5.09
C ALA A 507 -26.24 -2.30 -4.18
N ILE A 508 -27.40 -2.73 -4.67
CA ILE A 508 -28.28 -3.60 -3.88
C ILE A 508 -28.69 -4.83 -4.69
N GLU A 509 -29.10 -5.87 -3.95
CA GLU A 509 -29.79 -7.02 -4.54
C GLU A 509 -30.87 -7.53 -3.56
N LEU A 510 -32.01 -7.96 -4.08
CA LEU A 510 -33.14 -8.39 -3.24
C LEU A 510 -33.42 -9.86 -3.46
N TYR A 511 -33.52 -10.63 -2.36
CA TYR A 511 -33.71 -12.09 -2.46
C TYR A 511 -35.09 -12.54 -1.94
N ASP A 512 -35.77 -13.42 -2.68
CA ASP A 512 -37.00 -14.04 -2.15
C ASP A 512 -36.64 -15.19 -1.18
N ASN A 513 -37.62 -15.90 -0.61
CA ASN A 513 -37.25 -16.90 0.42
C ASN A 513 -36.64 -18.17 -0.12
N GLU A 514 -36.60 -18.27 -1.44
CA GLU A 514 -35.92 -19.35 -2.11
C GLU A 514 -34.47 -18.99 -2.41
N GLY A 515 -34.07 -17.74 -2.16
CA GLY A 515 -32.74 -17.29 -2.58
C GLY A 515 -32.64 -16.82 -4.02
N LYS A 516 -33.77 -16.52 -4.66
CA LYS A 516 -33.78 -16.00 -6.04
C LYS A 516 -33.83 -14.51 -6.02
N VAL A 517 -33.15 -13.89 -6.99
CA VAL A 517 -33.08 -12.45 -7.10
C VAL A 517 -34.44 -11.91 -7.56
N ILE A 518 -34.96 -10.91 -6.87
CA ILE A 518 -36.21 -10.25 -7.27
C ILE A 518 -35.86 -9.11 -8.24
N PRO A 519 -36.40 -9.16 -9.47
CA PRO A 519 -36.14 -8.04 -10.41
C PRO A 519 -36.51 -6.68 -9.79
N LEU A 520 -35.59 -5.72 -9.89
CA LEU A 520 -35.82 -4.36 -9.41
C LEU A 520 -36.55 -3.58 -10.45
N GLN A 521 -37.62 -2.92 -10.04
CA GLN A 521 -38.44 -2.17 -10.98
C GLN A 521 -39.33 -1.21 -10.28
N LYS A 522 -39.76 -0.19 -10.98
CA LYS A 522 -40.73 0.75 -10.48
C LYS A 522 -41.57 1.33 -11.62
N GLY A 523 -42.89 1.38 -11.42
CA GLY A 523 -43.81 1.95 -12.41
C GLY A 523 -43.74 1.28 -13.77
N GLY A 524 -43.44 -0.02 -13.78
CA GLY A 524 -43.38 -0.81 -15.01
C GLY A 524 -42.04 -0.84 -15.74
N HIS A 525 -41.06 -0.08 -15.24
CA HIS A 525 -39.73 0.00 -15.86
C HIS A 525 -38.66 -0.59 -14.93
N PRO A 526 -37.64 -1.30 -15.50
CA PRO A 526 -36.53 -1.80 -14.69
C PRO A 526 -35.74 -0.65 -14.05
N VAL A 527 -35.18 -0.92 -12.87
CA VAL A 527 -34.38 0.04 -12.13
C VAL A 527 -32.96 -0.54 -12.02
N ASN A 528 -31.96 0.32 -12.16
CA ASN A 528 -30.57 -0.12 -12.07
C ASN A 528 -30.28 -0.49 -10.61
N SER A 529 -29.58 -1.58 -10.39
CA SER A 529 -29.29 -2.02 -9.02
C SER A 529 -28.21 -1.19 -8.30
N VAL A 530 -27.49 -0.33 -9.02
CA VAL A 530 -26.60 0.65 -8.38
C VAL A 530 -27.45 1.89 -8.12
N LEU A 531 -27.85 2.11 -6.87
CA LEU A 531 -28.60 3.31 -6.54
C LEU A 531 -27.66 4.52 -6.40
N ASN A 532 -28.14 5.70 -6.82
CA ASN A 532 -27.39 6.94 -6.71
C ASN A 532 -27.79 7.64 -5.44
N VAL A 533 -27.03 7.39 -4.38
CA VAL A 533 -27.30 8.01 -3.11
C VAL A 533 -26.54 9.34 -3.12
N THR A 534 -27.25 10.43 -3.42
CA THR A 534 -26.65 11.77 -3.60
C THR A 534 -27.07 12.83 -2.56
N GLN A 535 -28.14 12.55 -1.82
CA GLN A 535 -28.71 13.50 -0.85
C GLN A 535 -28.40 13.05 0.56
N ALA A 536 -28.58 13.95 1.54
CA ALA A 536 -28.44 13.59 2.95
C ALA A 536 -29.48 12.52 3.34
N GLU A 537 -30.68 12.59 2.77
CA GLU A 537 -31.71 11.55 2.94
C GLU A 537 -32.53 11.40 1.68
N GLN A 538 -32.84 10.15 1.35
N GLN A 538 -32.83 10.15 1.34
CA GLN A 538 -33.55 9.82 0.13
CA GLN A 538 -33.65 9.85 0.19
C GLN A 538 -34.30 8.49 0.31
C GLN A 538 -34.36 8.52 0.37
N THR A 539 -35.44 8.34 -0.37
CA THR A 539 -36.21 7.14 -0.37
C THR A 539 -36.17 6.51 -1.77
N PHE A 540 -36.01 5.20 -1.83
CA PHE A 540 -36.09 4.47 -3.07
C PHE A 540 -37.19 3.43 -2.96
N VAL A 541 -38.13 3.43 -3.91
CA VAL A 541 -39.31 2.56 -3.88
C VAL A 541 -39.25 1.58 -5.03
N PHE A 542 -39.45 0.30 -4.73
CA PHE A 542 -39.46 -0.78 -5.70
C PHE A 542 -40.83 -1.44 -5.70
N ASP A 543 -41.36 -1.69 -6.91
CA ASP A 543 -42.69 -2.27 -7.21
C ASP A 543 -42.53 -3.74 -7.47
N ASN A 544 -43.66 -4.43 -7.46
CA ASN A 544 -43.71 -5.83 -7.88
C ASN A 544 -42.76 -6.68 -7.04
N VAL A 545 -42.70 -6.33 -5.76
CA VAL A 545 -41.89 -7.10 -4.84
C VAL A 545 -42.86 -8.12 -4.24
N TYR A 546 -42.89 -9.30 -4.83
CA TYR A 546 -43.93 -10.30 -4.60
C TYR A 546 -43.80 -11.01 -3.23
N PHE A 547 -42.60 -10.97 -2.65
CA PHE A 547 -42.35 -11.56 -1.35
C PHE A 547 -41.47 -10.61 -0.54
N GLN A 548 -41.61 -10.62 0.80
CA GLN A 548 -40.73 -9.82 1.65
C GLN A 548 -39.25 -10.17 1.39
N PRO A 549 -38.45 -9.19 0.92
CA PRO A 549 -37.05 -9.52 0.53
C PRO A 549 -36.05 -9.56 1.70
N VAL A 550 -35.00 -10.36 1.57
CA VAL A 550 -33.76 -10.17 2.34
C VAL A 550 -32.81 -9.37 1.42
N PRO A 551 -32.36 -8.15 1.84
CA PRO A 551 -31.51 -7.37 0.91
C PRO A 551 -30.03 -7.70 1.11
N ALA A 552 -29.26 -7.61 0.03
CA ALA A 552 -27.79 -7.53 0.11
C ALA A 552 -27.52 -6.07 -0.18
N LEU A 553 -26.78 -5.43 0.72
CA LEU A 553 -26.59 -3.98 0.63
C LEU A 553 -25.11 -3.65 0.43
N LEU A 554 -24.84 -2.57 -0.30
CA LEU A 554 -23.48 -2.14 -0.62
C LEU A 554 -22.72 -3.32 -1.20
N CYS A 555 -23.32 -3.95 -2.20
CA CYS A 555 -22.72 -5.13 -2.86
C CYS A 555 -21.35 -4.85 -3.43
N GLU A 556 -20.45 -5.82 -3.27
CA GLU A 556 -19.05 -5.73 -3.64
C GLU A 556 -18.35 -4.47 -3.09
N PHE A 557 -18.83 -3.96 -1.93
CA PHE A 557 -18.35 -2.73 -1.25
C PHE A 557 -18.34 -1.62 -2.27
N SER A 558 -19.52 -1.26 -2.76
CA SER A 558 -19.65 -0.45 -3.96
C SER A 558 -19.26 1.01 -3.73
N ALA A 559 -19.12 1.40 -2.45
CA ALA A 559 -18.58 2.71 -2.07
C ALA A 559 -17.81 2.55 -0.75
N PRO A 560 -16.75 3.37 -0.53
CA PRO A 560 -15.96 3.20 0.69
C PRO A 560 -16.62 3.88 1.91
N VAL A 561 -17.61 3.19 2.47
CA VAL A 561 -18.46 3.76 3.52
C VAL A 561 -18.73 2.69 4.62
N LYS A 562 -19.17 3.17 5.80
CA LYS A 562 -19.66 2.29 6.85
C LYS A 562 -21.14 2.15 6.66
N LEU A 563 -21.67 0.95 6.74
CA LEU A 563 -23.10 0.70 6.55
C LEU A 563 -23.76 0.49 7.93
N GLU A 564 -24.84 1.22 8.20
CA GLU A 564 -25.64 0.98 9.40
C GLU A 564 -27.00 0.47 8.98
N TYR A 565 -27.24 -0.81 9.20
CA TYR A 565 -28.53 -1.38 8.89
C TYR A 565 -28.80 -2.37 10.02
N LYS A 566 -30.05 -2.45 10.47
CA LYS A 566 -30.38 -3.30 11.64
C LYS A 566 -30.66 -4.74 11.20
N TRP A 567 -29.59 -5.48 10.90
CA TRP A 567 -29.69 -6.84 10.42
C TRP A 567 -30.25 -7.74 11.53
N SER A 568 -31.07 -8.75 11.18
CA SER A 568 -31.28 -9.87 12.09
C SER A 568 -30.20 -10.92 11.83
N ASP A 569 -29.88 -11.77 12.81
CA ASP A 569 -28.95 -12.89 12.60
C ASP A 569 -29.36 -13.78 11.42
N GLN A 570 -30.67 -14.01 11.26
CA GLN A 570 -31.19 -14.91 10.23
C GLN A 570 -31.07 -14.31 8.81
N GLN A 571 -31.23 -13.00 8.66
CA GLN A 571 -30.97 -12.33 7.37
C GLN A 571 -29.53 -12.58 6.95
N LEU A 572 -28.60 -12.43 7.89
CA LEU A 572 -27.18 -12.63 7.61
C LEU A 572 -26.83 -14.08 7.27
N THR A 573 -27.30 -15.06 8.05
CA THR A 573 -27.04 -16.47 7.72
C THR A 573 -27.73 -16.90 6.40
N PHE A 574 -28.89 -16.33 6.13
CA PHE A 574 -29.54 -16.53 4.83
C PHE A 574 -28.62 -16.06 3.69
N LEU A 575 -28.05 -14.87 3.83
CA LEU A 575 -27.13 -14.34 2.82
C LEU A 575 -25.87 -15.21 2.68
N MET A 576 -25.33 -15.71 3.78
CA MET A 576 -24.14 -16.57 3.74
C MET A 576 -24.41 -17.85 2.94
N ARG A 577 -25.67 -18.26 2.95
CA ARG A 577 -26.17 -19.45 2.27
C ARG A 577 -26.55 -19.16 0.81
N HIS A 578 -27.14 -17.99 0.53
CA HIS A 578 -27.83 -17.74 -0.74
C HIS A 578 -27.31 -16.60 -1.62
N ALA A 579 -26.49 -15.70 -1.08
CA ALA A 579 -26.11 -14.51 -1.86
C ALA A 579 -25.38 -14.95 -3.14
N ARG A 580 -25.70 -14.31 -4.26
CA ARG A 580 -25.07 -14.72 -5.54
C ARG A 580 -23.57 -14.42 -5.62
N ASN A 581 -23.13 -13.26 -5.14
CA ASN A 581 -21.68 -12.94 -5.16
C ASN A 581 -21.01 -13.45 -3.89
N ASP A 582 -19.88 -14.12 -4.07
CA ASP A 582 -19.09 -14.64 -2.96
C ASP A 582 -18.71 -13.57 -1.96
N PHE A 583 -18.47 -12.33 -2.44
CA PHE A 583 -18.15 -11.22 -1.54
C PHE A 583 -19.27 -11.00 -0.53
N SER A 584 -20.51 -11.04 -0.99
CA SER A 584 -21.68 -10.79 -0.15
C SER A 584 -21.79 -11.83 0.94
N ARG A 585 -21.43 -13.07 0.62
CA ARG A 585 -21.42 -14.14 1.64
C ARG A 585 -20.40 -13.91 2.72
N TRP A 586 -19.18 -13.56 2.33
CA TRP A 586 -18.15 -13.20 3.29
C TRP A 586 -18.59 -11.95 4.08
N ASP A 587 -19.16 -10.98 3.39
CA ASP A 587 -19.52 -9.71 4.06
C ASP A 587 -20.68 -9.93 5.11
N ALA A 588 -21.66 -10.79 4.79
CA ALA A 588 -22.74 -11.17 5.74
C ALA A 588 -22.13 -11.82 6.98
N ALA A 589 -21.16 -12.70 6.81
CA ALA A 589 -20.43 -13.26 7.92
C ALA A 589 -19.72 -12.20 8.76
N GLN A 590 -19.17 -11.17 8.12
CA GLN A 590 -18.51 -10.10 8.86
C GLN A 590 -19.50 -9.33 9.74
N SER A 591 -20.67 -9.01 9.20
CA SER A 591 -21.71 -8.34 9.96
C SER A 591 -22.17 -9.24 11.11
N LEU A 592 -22.30 -10.54 10.86
CA LEU A 592 -22.69 -11.49 11.92
C LEU A 592 -21.65 -11.49 13.06
N LEU A 593 -20.38 -11.61 12.70
CA LEU A 593 -19.31 -11.56 13.67
C LEU A 593 -19.23 -10.21 14.43
N ALA A 594 -19.43 -9.10 13.74
CA ALA A 594 -19.32 -7.79 14.37
C ALA A 594 -20.20 -7.72 15.63
N THR A 595 -21.45 -8.14 15.49
CA THR A 595 -22.40 -8.17 16.60
C THR A 595 -21.84 -8.85 17.84
N TYR A 596 -21.22 -10.02 17.65
CA TYR A 596 -20.76 -10.83 18.77
C TYR A 596 -19.37 -10.47 19.26
N ILE A 597 -18.59 -9.79 18.41
CA ILE A 597 -17.32 -9.21 18.85
C ILE A 597 -17.62 -8.07 19.80
N LYS A 598 -18.57 -7.22 19.40
CA LYS A 598 -18.97 -6.09 20.22
C LYS A 598 -19.58 -6.56 21.56
N LEU A 599 -20.46 -7.55 21.49
CA LEU A 599 -21.02 -8.16 22.71
C LEU A 599 -19.91 -8.61 23.66
N ASN A 600 -18.99 -9.39 23.12
CA ASN A 600 -17.97 -10.01 23.95
C ASN A 600 -16.85 -9.09 24.44
N VAL A 601 -16.59 -7.99 23.73
CA VAL A 601 -15.72 -6.97 24.29
C VAL A 601 -16.35 -6.26 25.53
N ALA A 602 -17.63 -5.90 25.42
CA ALA A 602 -18.38 -5.36 26.55
C ALA A 602 -18.35 -6.34 27.73
N ARG A 603 -18.54 -7.64 27.45
CA ARG A 603 -18.46 -8.67 28.49
C ARG A 603 -17.07 -8.75 29.11
N HIS A 604 -16.03 -8.70 28.27
CA HIS A 604 -14.66 -8.78 28.76
C HIS A 604 -14.38 -7.66 29.76
N GLN A 605 -14.89 -6.47 29.44
CA GLN A 605 -14.77 -5.31 30.29
C GLN A 605 -15.49 -5.42 31.66
N GLN A 606 -16.49 -6.30 31.76
CA GLN A 606 -17.19 -6.60 33.00
C GLN A 606 -16.72 -7.89 33.64
N GLY A 607 -15.59 -8.44 33.18
CA GLY A 607 -15.04 -9.68 33.77
C GLY A 607 -15.73 -10.98 33.35
N GLN A 608 -16.53 -10.94 32.29
CA GLN A 608 -17.30 -12.10 31.91
C GLN A 608 -16.76 -12.87 30.70
N PRO A 609 -16.99 -14.18 30.68
CA PRO A 609 -16.47 -15.00 29.61
C PRO A 609 -17.32 -14.89 28.32
N LEU A 610 -16.81 -15.45 27.23
CA LEU A 610 -17.45 -15.38 25.94
C LEU A 610 -18.85 -16.00 25.92
N SER A 611 -19.74 -15.32 25.22
CA SER A 611 -21.09 -15.84 25.00
C SER A 611 -21.35 -15.75 23.50
N LEU A 612 -21.81 -16.85 22.91
CA LEU A 612 -22.10 -16.92 21.47
C LEU A 612 -23.28 -17.85 21.24
N PRO A 613 -24.35 -17.35 20.62
CA PRO A 613 -25.49 -18.22 20.41
C PRO A 613 -25.09 -19.42 19.57
N VAL A 614 -25.76 -20.56 19.81
CA VAL A 614 -25.53 -21.79 19.06
C VAL A 614 -25.70 -21.60 17.56
N HIS A 615 -26.73 -20.85 17.14
CA HIS A 615 -26.99 -20.66 15.71
C HIS A 615 -25.86 -19.90 14.98
N VAL A 616 -25.01 -19.16 15.71
CA VAL A 616 -23.85 -18.49 15.11
C VAL A 616 -22.73 -19.48 14.83
N ALA A 617 -22.37 -20.31 15.80
CA ALA A 617 -21.40 -21.39 15.53
C ALA A 617 -21.89 -22.33 14.40
N ASP A 618 -23.20 -22.63 14.37
CA ASP A 618 -23.79 -23.43 13.30
C ASP A 618 -23.61 -22.84 11.90
N ALA A 619 -23.70 -21.51 11.74
CA ALA A 619 -23.44 -20.88 10.43
C ALA A 619 -22.00 -21.16 9.97
N PHE A 620 -21.05 -21.14 10.89
CA PHE A 620 -19.67 -21.47 10.54
C PHE A 620 -19.42 -22.95 10.30
N ARG A 621 -20.19 -23.81 10.98
CA ARG A 621 -20.14 -25.26 10.72
C ARG A 621 -20.63 -25.55 9.29
N ALA A 622 -21.72 -24.88 8.89
CA ALA A 622 -22.31 -25.03 7.58
C ALA A 622 -21.34 -24.64 6.44
N VAL A 623 -20.53 -23.60 6.65
CA VAL A 623 -19.47 -23.21 5.71
C VAL A 623 -18.39 -24.31 5.59
N LEU A 624 -17.96 -24.88 6.72
CA LEU A 624 -16.98 -25.95 6.69
C LEU A 624 -17.46 -27.19 5.94
N LEU A 625 -18.72 -27.54 6.12
CA LEU A 625 -19.25 -28.76 5.56
C LEU A 625 -19.94 -28.59 4.19
N ASP A 626 -20.05 -27.34 3.70
CA ASP A 626 -20.65 -27.09 2.40
C ASP A 626 -19.74 -27.59 1.28
N GLU A 627 -20.20 -28.59 0.53
CA GLU A 627 -19.44 -29.14 -0.61
C GLU A 627 -19.36 -28.21 -1.84
N LYS A 628 -20.34 -27.32 -2.01
CA LYS A 628 -20.44 -26.49 -3.20
C LYS A 628 -19.66 -25.17 -3.11
N ILE A 629 -19.33 -24.76 -1.89
CA ILE A 629 -18.62 -23.51 -1.64
C ILE A 629 -17.17 -23.59 -2.13
N ASP A 630 -16.76 -22.56 -2.83
CA ASP A 630 -15.37 -22.43 -3.28
C ASP A 630 -14.46 -22.42 -2.04
N PRO A 631 -13.44 -23.30 -1.99
CA PRO A 631 -12.54 -23.28 -0.83
C PRO A 631 -11.89 -21.90 -0.55
N ALA A 632 -11.72 -21.09 -1.61
CA ALA A 632 -11.15 -19.74 -1.51
C ALA A 632 -12.04 -18.87 -0.63
N LEU A 633 -13.35 -18.98 -0.83
CA LEU A 633 -14.34 -18.28 -0.03
C LEU A 633 -14.44 -18.85 1.39
N ALA A 634 -14.60 -20.17 1.50
CA ALA A 634 -14.62 -20.81 2.82
C ALA A 634 -13.45 -20.31 3.67
N ALA A 635 -12.26 -20.28 3.08
CA ALA A 635 -11.05 -19.88 3.80
C ALA A 635 -11.14 -18.46 4.36
N GLU A 636 -11.69 -17.53 3.58
CA GLU A 636 -11.82 -16.14 4.03
C GLU A 636 -12.90 -15.94 5.10
N ILE A 637 -14.02 -16.64 4.98
CA ILE A 637 -15.06 -16.64 6.02
C ILE A 637 -14.55 -17.19 7.38
N LEU A 638 -13.69 -18.20 7.31
CA LEU A 638 -13.05 -18.84 8.48
C LEU A 638 -11.77 -18.13 8.97
N THR A 639 -11.43 -16.99 8.37
CA THR A 639 -10.35 -16.16 8.88
C THR A 639 -11.03 -15.02 9.66
N LEU A 640 -10.89 -15.02 10.99
CA LEU A 640 -11.52 -13.98 11.83
C LEU A 640 -10.91 -12.61 11.52
N PRO A 641 -11.70 -11.53 11.64
CA PRO A 641 -11.11 -10.18 11.52
C PRO A 641 -9.88 -10.01 12.42
N SER A 642 -8.86 -9.32 11.94
CA SER A 642 -7.69 -9.03 12.73
C SER A 642 -8.03 -8.07 13.88
N VAL A 643 -7.12 -7.92 14.84
CA VAL A 643 -7.31 -6.96 15.96
C VAL A 643 -7.49 -5.52 15.45
N ASN A 644 -6.79 -5.16 14.38
CA ASN A 644 -7.03 -3.86 13.74
C ASN A 644 -8.42 -3.71 13.06
N GLU A 645 -8.90 -4.74 12.36
CA GLU A 645 -10.26 -4.67 11.85
C GLU A 645 -11.30 -4.60 12.99
N MET A 646 -11.03 -5.32 14.07
CA MET A 646 -11.95 -5.36 15.22
C MET A 646 -12.00 -3.98 15.90
N ALA A 647 -10.83 -3.35 16.05
CA ALA A 647 -10.74 -1.97 16.59
C ALA A 647 -11.70 -0.95 15.94
N GLU A 648 -11.92 -1.06 14.63
N GLU A 648 -11.90 -1.08 14.62
CA GLU A 648 -12.79 -0.09 13.94
CA GLU A 648 -12.79 -0.20 13.85
C GLU A 648 -14.29 -0.26 14.23
C GLU A 648 -14.26 -0.23 14.31
N LEU A 649 -14.66 -1.32 14.97
CA LEU A 649 -16.05 -1.48 15.46
C LEU A 649 -16.36 -0.58 16.68
N PHE A 650 -15.34 0.08 17.22
CA PHE A 650 -15.47 0.73 18.53
C PHE A 650 -15.07 2.20 18.49
N ASP A 651 -15.82 3.04 19.19
CA ASP A 651 -15.46 4.44 19.41
C ASP A 651 -14.20 4.62 20.22
N ILE A 652 -14.17 3.98 21.38
CA ILE A 652 -13.00 3.96 22.18
C ILE A 652 -12.46 2.54 22.11
N ILE A 653 -11.21 2.40 21.67
CA ILE A 653 -10.59 1.08 21.51
C ILE A 653 -10.03 0.55 22.84
N ASP A 654 -10.41 -0.69 23.16
CA ASP A 654 -9.81 -1.43 24.28
C ASP A 654 -8.98 -2.57 23.68
N PRO A 655 -7.67 -2.33 23.46
CA PRO A 655 -6.91 -3.31 22.65
C PRO A 655 -6.67 -4.65 23.38
N ILE A 656 -6.62 -4.61 24.72
CA ILE A 656 -6.50 -5.81 25.52
C ILE A 656 -7.73 -6.72 25.47
N ALA A 657 -8.93 -6.14 25.58
CA ALA A 657 -10.19 -6.86 25.44
C ALA A 657 -10.37 -7.42 24.03
N ILE A 658 -9.99 -6.64 23.02
CA ILE A 658 -10.09 -7.09 21.63
C ILE A 658 -9.21 -8.32 21.40
N ALA A 659 -7.94 -8.25 21.83
CA ALA A 659 -7.01 -9.36 21.70
C ALA A 659 -7.53 -10.61 22.41
N GLU A 660 -7.94 -10.47 23.67
CA GLU A 660 -8.44 -11.62 24.43
C GLU A 660 -9.75 -12.19 23.88
N VAL A 661 -10.64 -11.33 23.40
CA VAL A 661 -11.88 -11.78 22.79
C VAL A 661 -11.60 -12.53 21.45
N ARG A 662 -10.62 -12.06 20.68
CA ARG A 662 -10.26 -12.74 19.42
C ARG A 662 -9.80 -14.15 19.73
N GLU A 663 -8.94 -14.27 20.74
CA GLU A 663 -8.49 -15.58 21.17
C GLU A 663 -9.61 -16.49 21.71
N ALA A 664 -10.46 -15.92 22.56
CA ALA A 664 -11.58 -16.68 23.15
C ALA A 664 -12.57 -17.16 22.05
N LEU A 665 -12.83 -16.30 21.07
CA LEU A 665 -13.68 -16.70 19.93
C LEU A 665 -13.05 -17.85 19.11
N THR A 666 -11.74 -17.75 18.88
CA THR A 666 -10.99 -18.81 18.20
C THR A 666 -11.09 -20.13 19.01
N ARG A 667 -10.86 -20.06 20.33
CA ARG A 667 -10.96 -21.23 21.23
C ARG A 667 -12.37 -21.84 21.20
N THR A 668 -13.39 -20.98 21.25
CA THR A 668 -14.78 -21.45 21.25
C THR A 668 -15.14 -22.15 19.96
N LEU A 669 -14.77 -21.53 18.83
CA LEU A 669 -15.04 -22.15 17.54
C LEU A 669 -14.22 -23.45 17.37
N ALA A 670 -13.00 -23.48 17.90
CA ALA A 670 -12.16 -24.66 17.82
C ALA A 670 -12.81 -25.83 18.57
N THR A 671 -13.39 -25.56 19.75
CA THR A 671 -14.11 -26.57 20.55
C THR A 671 -15.41 -27.01 19.87
N GLU A 672 -16.25 -26.06 19.47
CA GLU A 672 -17.52 -26.39 18.83
C GLU A 672 -17.39 -27.07 17.46
N LEU A 673 -16.27 -26.87 16.75
CA LEU A 673 -16.14 -27.34 15.37
C LEU A 673 -14.98 -28.32 15.19
N ALA A 674 -14.47 -28.86 16.30
CA ALA A 674 -13.23 -29.64 16.29
C ALA A 674 -13.15 -30.75 15.25
N ASP A 675 -14.23 -31.51 15.09
CA ASP A 675 -14.24 -32.66 14.20
C ASP A 675 -14.31 -32.21 12.75
N GLU A 676 -15.17 -31.22 12.49
CA GLU A 676 -15.32 -30.66 11.16
C GLU A 676 -14.02 -29.99 10.70
N LEU A 677 -13.37 -29.28 11.62
CA LEU A 677 -12.09 -28.62 11.33
C LEU A 677 -11.01 -29.63 10.95
N LEU A 678 -10.95 -30.75 11.69
CA LEU A 678 -9.94 -31.76 11.40
C LEU A 678 -10.23 -32.51 10.07
N ALA A 679 -11.51 -32.74 9.76
CA ALA A 679 -11.87 -33.39 8.50
C ALA A 679 -11.47 -32.50 7.31
N ILE A 680 -11.74 -31.21 7.40
CA ILE A 680 -11.46 -30.31 6.28
C ILE A 680 -9.95 -30.05 6.15
N TYR A 681 -9.27 -29.93 7.30
CA TYR A 681 -7.81 -29.89 7.29
C TYR A 681 -7.19 -31.08 6.51
N ASN A 682 -7.65 -32.28 6.82
CA ASN A 682 -7.14 -33.49 6.17
C ASN A 682 -7.55 -33.61 4.70
N ALA A 683 -8.79 -33.25 4.35
CA ALA A 683 -9.27 -33.38 2.97
C ALA A 683 -8.55 -32.42 2.02
N ASN A 684 -7.94 -31.37 2.56
CA ASN A 684 -7.30 -30.34 1.73
C ASN A 684 -5.80 -30.50 1.69
N TYR A 685 -5.31 -31.59 2.26
CA TYR A 685 -3.92 -31.98 2.08
C TYR A 685 -3.53 -32.00 0.59
N GLN A 686 -2.33 -31.53 0.29
CA GLN A 686 -1.79 -31.51 -1.10
C GLN A 686 -0.33 -31.92 -1.03
N SER A 687 0.04 -33.02 -1.66
CA SER A 687 1.48 -33.42 -1.64
C SER A 687 2.35 -32.56 -2.54
N GLU A 688 1.84 -32.20 -3.72
CA GLU A 688 2.52 -31.27 -4.63
C GLU A 688 2.30 -29.84 -4.18
N TYR A 689 3.38 -29.05 -4.16
CA TYR A 689 3.25 -27.60 -4.01
C TYR A 689 3.19 -26.88 -5.38
N ARG A 690 2.13 -26.12 -5.60
CA ARG A 690 1.95 -25.32 -6.79
C ARG A 690 1.50 -23.90 -6.44
N VAL A 691 2.09 -22.92 -7.15
CA VAL A 691 1.65 -21.52 -7.06
C VAL A 691 0.59 -21.33 -8.13
N GLU A 692 -0.61 -21.85 -7.83
CA GLU A 692 -1.72 -21.84 -8.75
C GLU A 692 -2.96 -21.62 -7.88
N HIS A 693 -3.95 -20.92 -8.43
N HIS A 693 -3.93 -20.88 -8.41
CA HIS A 693 -5.03 -20.36 -7.64
CA HIS A 693 -5.02 -20.37 -7.59
C HIS A 693 -6.00 -21.36 -7.01
C HIS A 693 -5.81 -21.47 -6.89
N GLU A 694 -6.18 -22.54 -7.61
CA GLU A 694 -6.94 -23.63 -6.94
C GLU A 694 -6.14 -24.25 -5.80
N ASP A 695 -4.85 -24.46 -6.03
CA ASP A 695 -3.99 -25.03 -5.01
C ASP A 695 -3.85 -24.07 -3.82
N ILE A 696 -3.67 -22.78 -4.13
CA ILE A 696 -3.54 -21.78 -3.08
C ILE A 696 -4.80 -21.74 -2.22
N ALA A 697 -5.96 -21.80 -2.87
CA ALA A 697 -7.27 -21.72 -2.18
C ALA A 697 -7.42 -22.89 -1.20
N LYS A 698 -7.14 -24.12 -1.68
CA LYS A 698 -7.14 -25.29 -0.80
C LYS A 698 -6.22 -25.18 0.40
N ARG A 699 -5.02 -24.65 0.19
CA ARG A 699 -4.01 -24.55 1.22
C ARG A 699 -4.36 -23.45 2.22
N THR A 700 -4.97 -22.36 1.73
CA THR A 700 -5.44 -21.27 2.57
C THR A 700 -6.56 -21.76 3.51
N LEU A 701 -7.47 -22.57 2.97
CA LEU A 701 -8.52 -23.23 3.76
C LEU A 701 -7.94 -24.17 4.80
N ARG A 702 -7.06 -25.06 4.36
CA ARG A 702 -6.38 -25.98 5.24
C ARG A 702 -5.70 -25.25 6.41
N ASN A 703 -4.97 -24.17 6.10
CA ASN A 703 -4.27 -23.42 7.14
C ASN A 703 -5.21 -22.54 7.99
N ALA A 704 -6.34 -22.16 7.45
CA ALA A 704 -7.36 -21.47 8.26
C ALA A 704 -7.92 -22.45 9.30
N CYS A 705 -8.13 -23.71 8.89
CA CYS A 705 -8.53 -24.81 9.83
C CYS A 705 -7.47 -25.03 10.88
N LEU A 706 -6.21 -25.07 10.44
CA LEU A 706 -5.12 -25.23 11.37
C LEU A 706 -5.08 -24.18 12.48
N ARG A 707 -5.42 -22.92 12.18
CA ARG A 707 -5.40 -21.87 13.21
C ARG A 707 -6.29 -22.23 14.37
N PHE A 708 -7.49 -22.72 14.05
CA PHE A 708 -8.45 -23.15 15.07
C PHE A 708 -7.96 -24.41 15.81
N LEU A 709 -7.47 -25.39 15.03
CA LEU A 709 -6.95 -26.65 15.58
C LEU A 709 -5.81 -26.46 16.58
N ALA A 710 -5.00 -25.41 16.38
CA ALA A 710 -3.94 -25.05 17.32
C ALA A 710 -4.48 -24.74 18.70
N PHE A 711 -5.73 -24.28 18.77
CA PHE A 711 -6.41 -23.98 20.04
C PHE A 711 -7.28 -25.15 20.58
N GLY A 712 -7.10 -26.36 20.04
CA GLY A 712 -7.80 -27.54 20.54
C GLY A 712 -7.11 -28.09 21.78
N GLU A 713 -7.38 -29.36 22.09
CA GLU A 713 -6.68 -30.03 23.19
C GLU A 713 -5.17 -29.98 22.94
N THR A 714 -4.43 -29.58 23.98
CA THR A 714 -3.04 -29.20 23.89
C THR A 714 -2.13 -30.22 23.26
N HIS A 715 -2.25 -31.49 23.68
CA HIS A 715 -1.36 -32.52 23.15
C HIS A 715 -1.63 -32.78 21.67
N LEU A 716 -2.91 -32.87 21.34
CA LEU A 716 -3.37 -33.01 19.95
C LEU A 716 -2.88 -31.85 19.04
N ALA A 717 -3.15 -30.61 19.46
CA ALA A 717 -2.69 -29.39 18.80
C ALA A 717 -1.19 -29.38 18.60
N ASP A 718 -0.44 -29.69 19.65
CA ASP A 718 1.01 -29.64 19.63
C ASP A 718 1.56 -30.62 18.59
N VAL A 719 0.96 -31.81 18.51
CA VAL A 719 1.39 -32.86 17.61
C VAL A 719 1.14 -32.45 16.15
N LEU A 720 -0.07 -32.01 15.88
CA LEU A 720 -0.49 -31.54 14.57
C LEU A 720 0.39 -30.39 14.03
N VAL A 721 0.62 -29.39 14.88
CA VAL A 721 1.36 -28.19 14.48
C VAL A 721 2.84 -28.49 14.23
N SER A 722 3.45 -29.19 15.19
CA SER A 722 4.82 -29.63 15.11
C SER A 722 5.07 -30.49 13.86
N LYS A 723 4.16 -31.41 13.60
CA LYS A 723 4.23 -32.26 12.41
C LYS A 723 4.13 -31.43 11.11
N GLN A 724 3.19 -30.47 11.03
CA GLN A 724 3.12 -29.62 9.82
C GLN A 724 4.43 -28.85 9.57
N PHE A 725 4.99 -28.26 10.61
CA PHE A 725 6.24 -27.53 10.53
C PHE A 725 7.35 -28.42 9.95
N HIS A 726 7.46 -29.63 10.50
CA HIS A 726 8.56 -30.53 10.10
C HIS A 726 8.34 -31.20 8.73
N GLU A 727 7.10 -31.46 8.37
CA GLU A 727 6.84 -32.14 7.10
C GLU A 727 6.54 -31.18 5.93
N ALA A 728 6.44 -29.87 6.22
CA ALA A 728 6.13 -28.88 5.17
C ALA A 728 7.13 -28.97 4.03
N ASN A 729 6.64 -29.00 2.79
CA ASN A 729 7.55 -28.90 1.65
C ASN A 729 7.58 -27.52 1.01
N ASN A 730 7.08 -26.52 1.75
CA ASN A 730 7.01 -25.13 1.32
C ASN A 730 6.91 -24.19 2.54
N MET A 731 7.30 -22.94 2.34
CA MET A 731 7.27 -21.93 3.41
C MET A 731 5.83 -21.57 3.86
N THR A 732 4.85 -21.62 2.98
CA THR A 732 3.46 -21.31 3.38
C THR A 732 3.02 -22.22 4.55
N ASP A 733 3.21 -23.52 4.35
CA ASP A 733 2.81 -24.49 5.37
C ASP A 733 3.69 -24.47 6.59
N ALA A 734 5.01 -24.28 6.44
CA ALA A 734 5.90 -24.21 7.58
C ALA A 734 5.57 -22.97 8.42
N LEU A 735 5.30 -21.85 7.78
CA LEU A 735 5.04 -20.61 8.53
C LEU A 735 3.67 -20.63 9.22
N ALA A 736 2.67 -21.20 8.56
CA ALA A 736 1.35 -21.33 9.17
C ALA A 736 1.42 -22.15 10.47
N ALA A 737 2.16 -23.26 10.45
CA ALA A 737 2.50 -24.04 11.64
C ALA A 737 3.25 -23.23 12.72
N LEU A 738 4.34 -22.56 12.34
CA LEU A 738 5.10 -21.77 13.29
C LEU A 738 4.24 -20.65 13.92
N SER A 739 3.45 -19.99 13.07
N SER A 739 3.44 -19.97 13.08
CA SER A 739 2.55 -18.94 13.52
CA SER A 739 2.53 -18.91 13.54
C SER A 739 1.51 -19.43 14.53
C SER A 739 1.51 -19.43 14.55
N ALA A 740 0.97 -20.63 14.30
CA ALA A 740 -0.01 -21.26 15.20
C ALA A 740 0.63 -21.69 16.53
N ALA A 741 1.87 -22.17 16.47
CA ALA A 741 2.59 -22.50 17.70
C ALA A 741 2.77 -21.24 18.56
N VAL A 742 3.14 -20.12 17.93
CA VAL A 742 3.28 -18.85 18.63
C VAL A 742 1.92 -18.33 19.16
N ALA A 743 0.89 -18.35 18.32
CA ALA A 743 -0.43 -17.77 18.65
C ALA A 743 -1.06 -18.49 19.86
N ALA A 744 -0.98 -19.81 19.84
CA ALA A 744 -1.56 -20.64 20.89
C ALA A 744 -0.55 -20.96 21.99
N GLN A 745 0.64 -20.39 21.93
CA GLN A 745 1.67 -20.62 22.97
C GLN A 745 1.84 -22.11 23.25
N LEU A 746 1.97 -22.91 22.19
CA LEU A 746 2.03 -24.35 22.35
C LEU A 746 3.40 -24.81 22.90
N PRO A 747 3.45 -26.01 23.53
CA PRO A 747 4.73 -26.49 24.09
C PRO A 747 5.90 -26.49 23.09
N CYS A 748 5.63 -26.83 21.83
CA CYS A 748 6.67 -26.93 20.78
C CYS A 748 7.23 -25.57 20.33
N ARG A 749 6.60 -24.48 20.79
CA ARG A 749 6.93 -23.16 20.27
C ARG A 749 8.43 -22.80 20.27
N ASP A 750 9.08 -22.90 21.42
CA ASP A 750 10.46 -22.44 21.53
C ASP A 750 11.40 -23.24 20.66
N ALA A 751 11.16 -24.54 20.57
CA ALA A 751 11.96 -25.44 19.74
C ALA A 751 11.83 -25.08 18.25
N LEU A 752 10.58 -24.92 17.78
CA LEU A 752 10.33 -24.55 16.36
C LEU A 752 10.93 -23.19 16.01
N MET A 753 10.83 -22.22 16.92
CA MET A 753 11.34 -20.87 16.68
C MET A 753 12.88 -20.87 16.61
N GLN A 754 13.51 -21.68 17.47
CA GLN A 754 14.96 -21.87 17.44
C GLN A 754 15.41 -22.57 16.15
N GLU A 755 14.70 -23.61 15.75
CA GLU A 755 14.99 -24.32 14.50
C GLU A 755 14.97 -23.38 13.28
N TYR A 756 14.00 -22.47 13.24
CA TYR A 756 13.86 -21.53 12.12
C TYR A 756 15.01 -20.54 12.14
N ASP A 757 15.29 -19.98 13.30
CA ASP A 757 16.46 -19.13 13.49
C ASP A 757 17.77 -19.82 13.00
N ASP A 758 18.03 -21.04 13.48
CA ASP A 758 19.24 -21.77 13.09
C ASP A 758 19.33 -22.02 11.60
N LYS A 759 18.19 -22.30 10.97
CA LYS A 759 18.17 -22.55 9.53
C LYS A 759 18.28 -21.25 8.71
N TRP A 760 17.65 -20.17 9.19
CA TRP A 760 17.38 -19.03 8.32
C TRP A 760 18.05 -17.71 8.65
N HIS A 761 18.81 -17.65 9.76
CA HIS A 761 19.36 -16.36 10.26
C HIS A 761 20.15 -15.51 9.23
N GLN A 762 20.78 -16.17 8.27
CA GLN A 762 21.56 -15.52 7.22
C GLN A 762 20.67 -14.84 6.16
N ASN A 763 19.37 -15.08 6.21
CA ASN A 763 18.46 -14.59 5.19
C ASN A 763 17.47 -13.56 5.79
N GLY A 764 17.71 -12.28 5.54
CA GLY A 764 16.92 -11.20 6.17
C GLY A 764 15.44 -11.26 5.84
N LEU A 765 15.09 -11.47 4.57
CA LEU A 765 13.69 -11.55 4.18
C LEU A 765 12.95 -12.70 4.86
N VAL A 766 13.61 -13.83 5.03
CA VAL A 766 12.98 -14.96 5.70
C VAL A 766 12.92 -14.65 7.21
N MET A 767 13.96 -14.02 7.76
CA MET A 767 13.94 -13.65 9.19
C MET A 767 12.87 -12.60 9.53
N ASP A 768 12.52 -11.75 8.57
CA ASP A 768 11.43 -10.77 8.77
C ASP A 768 10.16 -11.47 9.21
N LYS A 769 9.88 -12.64 8.65
CA LYS A 769 8.69 -13.42 9.06
C LYS A 769 8.72 -13.81 10.56
N TRP A 770 9.90 -14.15 11.04
CA TRP A 770 10.15 -14.59 12.40
C TRP A 770 10.10 -13.39 13.37
N PHE A 771 10.71 -12.25 12.96
CA PHE A 771 10.63 -11.01 13.74
C PHE A 771 9.17 -10.59 13.94
N ILE A 772 8.36 -10.76 12.89
CA ILE A 772 6.92 -10.43 12.97
C ILE A 772 6.21 -11.31 14.02
N LEU A 773 6.52 -12.60 13.99
CA LEU A 773 5.93 -13.55 14.93
C LEU A 773 6.38 -13.21 16.36
N GLN A 774 7.66 -12.89 16.53
CA GLN A 774 8.15 -12.48 17.84
C GLN A 774 7.42 -11.21 18.32
N ALA A 775 7.29 -10.22 17.42
CA ALA A 775 6.66 -8.93 17.74
C ALA A 775 5.16 -8.99 18.06
N THR A 776 4.44 -9.94 17.44
CA THR A 776 3.00 -10.04 17.58
C THR A 776 2.61 -11.20 18.54
N SER A 777 3.59 -11.71 19.30
CA SER A 777 3.35 -12.86 20.15
C SER A 777 2.39 -12.47 21.29
N PRO A 778 1.44 -13.35 21.66
CA PRO A 778 0.61 -13.09 22.86
C PRO A 778 1.31 -13.33 24.21
N ALA A 779 2.56 -13.83 24.22
CA ALA A 779 3.29 -14.08 25.47
C ALA A 779 3.35 -12.83 26.36
N ALA A 780 3.31 -13.04 27.69
CA ALA A 780 3.36 -11.94 28.65
C ALA A 780 4.67 -11.15 28.53
N ASN A 781 5.76 -11.84 28.16
CA ASN A 781 7.07 -11.18 28.09
C ASN A 781 7.46 -10.61 26.73
N VAL A 782 6.47 -10.37 25.86
CA VAL A 782 6.74 -9.96 24.47
C VAL A 782 7.67 -8.73 24.32
N LEU A 783 7.45 -7.67 25.08
CA LEU A 783 8.31 -6.49 24.95
C LEU A 783 9.76 -6.76 25.32
N GLU A 784 9.96 -7.46 26.42
CA GLU A 784 11.28 -7.93 26.81
C GLU A 784 11.94 -8.73 25.69
N THR A 785 11.19 -9.65 25.08
CA THR A 785 11.73 -10.41 23.94
C THR A 785 12.10 -9.47 22.78
N VAL A 786 11.19 -8.56 22.42
CA VAL A 786 11.43 -7.58 21.34
C VAL A 786 12.67 -6.71 21.56
N ARG A 787 12.81 -6.14 22.77
CA ARG A 787 14.03 -5.38 23.12
C ARG A 787 15.32 -6.21 23.00
N GLY A 788 15.31 -7.45 23.49
CA GLY A 788 16.48 -8.33 23.35
C GLY A 788 16.85 -8.55 21.88
N LEU A 789 15.84 -8.63 21.03
CA LEU A 789 16.06 -8.89 19.60
C LEU A 789 16.68 -7.71 18.83
N LEU A 790 16.76 -6.53 19.44
CA LEU A 790 17.56 -5.44 18.89
C LEU A 790 19.05 -5.81 18.74
N GLN A 791 19.49 -6.83 19.49
CA GLN A 791 20.85 -7.35 19.44
C GLN A 791 20.94 -8.64 18.63
N HIS A 792 19.85 -9.06 18.02
CA HIS A 792 19.88 -10.33 17.29
C HIS A 792 20.77 -10.18 16.06
N ARG A 793 21.55 -11.23 15.74
CA ARG A 793 22.45 -11.24 14.55
C ARG A 793 21.75 -10.87 13.24
N SER A 794 20.46 -11.19 13.11
CA SER A 794 19.75 -10.89 11.86
C SER A 794 19.07 -9.53 11.88
N PHE A 795 19.12 -8.82 13.02
CA PHE A 795 18.50 -7.49 13.11
C PHE A 795 19.48 -6.35 12.88
N THR A 796 19.06 -5.29 12.18
CA THR A 796 19.85 -4.06 12.18
C THR A 796 18.99 -2.81 11.99
N MET A 797 19.29 -1.76 12.76
CA MET A 797 18.62 -0.46 12.61
C MET A 797 18.95 0.22 11.26
N SER A 798 20.02 -0.24 10.58
CA SER A 798 20.37 0.31 9.26
C SER A 798 19.42 -0.16 8.11
N ASN A 799 18.58 -1.15 8.40
CA ASN A 799 17.73 -1.76 7.39
C ASN A 799 16.21 -1.56 7.65
N PRO A 800 15.53 -0.78 6.80
CA PRO A 800 14.10 -0.50 7.00
C PRO A 800 13.22 -1.75 7.07
N ASN A 801 13.54 -2.81 6.32
CA ASN A 801 12.74 -4.06 6.43
C ASN A 801 12.83 -4.70 7.84
N ARG A 802 14.05 -4.80 8.38
CA ARG A 802 14.23 -5.30 9.76
C ARG A 802 13.48 -4.43 10.75
N ILE A 803 13.62 -3.11 10.62
CA ILE A 803 12.94 -2.17 11.52
C ILE A 803 11.45 -2.40 11.48
N ARG A 804 10.87 -2.49 10.28
CA ARG A 804 9.44 -2.66 10.14
C ARG A 804 8.94 -4.02 10.67
N SER A 805 9.75 -5.07 10.48
CA SER A 805 9.41 -6.43 10.91
C SER A 805 9.39 -6.64 12.42
N LEU A 806 10.22 -5.88 13.12
CA LEU A 806 10.39 -6.06 14.58
C LEU A 806 9.67 -4.93 15.30
N ILE A 807 10.13 -3.70 15.06
CA ILE A 807 9.60 -2.55 15.78
C ILE A 807 8.20 -2.17 15.27
N GLY A 808 8.07 -2.05 13.95
CA GLY A 808 6.80 -1.66 13.34
C GLY A 808 5.67 -2.64 13.62
N ALA A 809 5.97 -3.93 13.58
CA ALA A 809 4.99 -4.97 13.84
C ALA A 809 4.57 -4.97 15.33
N PHE A 810 5.51 -4.70 16.23
CA PHE A 810 5.17 -4.58 17.64
C PHE A 810 4.17 -3.44 17.86
N ALA A 811 4.52 -2.24 17.39
CA ALA A 811 3.72 -1.04 17.65
C ALA A 811 2.38 -1.05 16.90
N GLY A 812 2.41 -1.46 15.63
CA GLY A 812 1.20 -1.42 14.78
C GLY A 812 0.36 -2.68 14.74
N SER A 813 0.96 -3.84 14.96
CA SER A 813 0.25 -5.12 14.83
C SER A 813 0.14 -5.87 16.14
N ASN A 814 0.75 -5.34 17.20
CA ASN A 814 0.46 -5.85 18.54
C ASN A 814 -0.07 -4.74 19.48
N PRO A 815 -1.23 -4.15 19.13
CA PRO A 815 -1.76 -3.05 19.98
C PRO A 815 -1.97 -3.46 21.45
N ALA A 816 -2.30 -4.72 21.73
CA ALA A 816 -2.47 -5.12 23.15
C ALA A 816 -1.20 -4.89 23.95
N ALA A 817 -0.03 -5.18 23.36
CA ALA A 817 1.23 -5.02 24.07
C ALA A 817 1.76 -3.61 23.93
N PHE A 818 1.59 -3.03 22.74
CA PHE A 818 1.95 -1.63 22.55
C PHE A 818 1.23 -0.72 23.56
N HIS A 819 -0.03 -1.08 23.84
CA HIS A 819 -0.86 -0.29 24.74
C HIS A 819 -0.92 -0.90 26.13
N ALA A 820 0.14 -1.62 26.52
CA ALA A 820 0.28 -2.09 27.89
C ALA A 820 -0.02 -0.93 28.85
N GLU A 821 -0.76 -1.24 29.92
CA GLU A 821 -1.22 -0.23 30.87
C GLU A 821 -0.10 0.55 31.56
N ASP A 822 1.06 -0.07 31.78
CA ASP A 822 2.22 0.63 32.34
C ASP A 822 2.92 1.62 31.41
N GLY A 823 2.46 1.68 30.15
CA GLY A 823 3.04 2.62 29.16
C GLY A 823 4.41 2.24 28.62
N SER A 824 4.88 1.02 28.91
CA SER A 824 6.16 0.53 28.42
C SER A 824 6.25 0.47 26.87
N GLY A 825 5.12 0.29 26.20
CA GLY A 825 5.12 0.22 24.74
C GLY A 825 5.46 1.58 24.14
N TYR A 826 4.85 2.63 24.70
CA TYR A 826 5.08 3.99 24.22
C TYR A 826 6.53 4.42 24.47
N LEU A 827 7.05 4.06 25.64
CA LEU A 827 8.44 4.40 25.98
C LEU A 827 9.43 3.70 25.07
N PHE A 828 9.16 2.45 24.74
CA PHE A 828 9.98 1.72 23.77
C PHE A 828 9.96 2.39 22.37
N LEU A 829 8.78 2.72 21.88
CA LEU A 829 8.68 3.40 20.60
C LEU A 829 9.40 4.76 20.63
N VAL A 830 9.27 5.51 21.73
CA VAL A 830 10.01 6.79 21.81
C VAL A 830 11.53 6.59 21.68
N GLU A 831 12.09 5.61 22.38
CA GLU A 831 13.51 5.31 22.22
C GLU A 831 13.86 4.99 20.75
N MET A 832 13.04 4.18 20.09
CA MET A 832 13.34 3.81 18.69
C MET A 832 13.26 5.04 17.75
N LEU A 833 12.26 5.89 17.97
CA LEU A 833 12.08 7.06 17.11
C LEU A 833 13.11 8.14 17.35
N THR A 834 13.66 8.19 18.56
CA THR A 834 14.74 9.13 18.87
C THR A 834 15.97 8.80 17.99
N ASP A 835 16.26 7.50 17.82
CA ASP A 835 17.30 7.04 16.88
C ASP A 835 16.90 7.37 15.43
N LEU A 836 15.73 6.90 15.01
CA LEU A 836 15.34 6.94 13.59
C LEU A 836 15.04 8.34 13.08
N ASN A 837 14.59 9.22 13.97
CA ASN A 837 14.39 10.61 13.59
C ASN A 837 15.63 11.20 12.92
N SER A 838 16.80 10.86 13.44
CA SER A 838 18.08 11.33 12.91
C SER A 838 18.55 10.45 11.74
N ARG A 839 18.39 9.14 11.88
CA ARG A 839 18.94 8.18 10.91
C ARG A 839 18.12 8.14 9.59
N ASN A 840 16.79 8.02 9.71
CA ASN A 840 15.95 7.74 8.55
C ASN A 840 14.56 8.24 8.89
N PRO A 841 14.31 9.55 8.69
CA PRO A 841 13.01 10.12 9.05
C PRO A 841 11.82 9.47 8.37
N GLN A 842 11.96 8.99 7.13
CA GLN A 842 10.81 8.37 6.46
C GLN A 842 10.31 7.13 7.18
N VAL A 843 11.23 6.27 7.62
N VAL A 843 11.22 6.26 7.63
CA VAL A 843 10.85 5.09 8.36
CA VAL A 843 10.81 5.08 8.37
C VAL A 843 10.32 5.48 9.75
C VAL A 843 10.37 5.42 9.80
N ALA A 844 10.93 6.50 10.37
CA ALA A 844 10.45 7.03 11.67
C ALA A 844 8.97 7.44 11.57
N SER A 845 8.63 8.12 10.49
CA SER A 845 7.29 8.65 10.32
C SER A 845 6.24 7.54 10.07
N ARG A 846 6.67 6.47 9.40
CA ARG A 846 5.82 5.29 9.30
C ARG A 846 5.52 4.69 10.66
N LEU A 847 6.59 4.58 11.44
CA LEU A 847 6.53 3.94 12.76
C LEU A 847 5.81 4.75 13.83
N ILE A 848 5.72 6.08 13.66
CA ILE A 848 5.05 6.89 14.70
C ILE A 848 3.53 6.75 14.65
N GLU A 849 3.02 6.25 13.52
CA GLU A 849 1.59 6.23 13.26
C GLU A 849 0.71 5.65 14.42
N PRO A 850 1.10 4.52 15.04
CA PRO A 850 0.29 4.05 16.18
C PRO A 850 0.17 5.05 17.34
N LEU A 851 1.16 5.93 17.50
CA LEU A 851 1.14 6.89 18.62
C LEU A 851 0.18 8.03 18.37
N ILE A 852 -0.04 8.39 17.11
CA ILE A 852 -0.92 9.51 16.83
C ILE A 852 -2.42 9.15 16.88
N ARG A 853 -2.74 7.88 17.13
CA ARG A 853 -4.12 7.45 17.28
C ARG A 853 -4.64 7.62 18.73
N LEU A 854 -3.92 8.38 19.56
CA LEU A 854 -4.26 8.52 21.00
C LEU A 854 -5.73 8.83 21.35
N LYS A 855 -6.40 9.65 20.55
CA LYS A 855 -7.79 10.04 20.89
C LYS A 855 -8.79 8.87 20.78
N ARG A 856 -8.34 7.72 20.26
CA ARG A 856 -9.18 6.53 20.13
C ARG A 856 -9.17 5.72 21.41
N TYR A 857 -8.30 6.10 22.37
CA TYR A 857 -8.05 5.29 23.55
C TYR A 857 -8.56 6.01 24.81
N ASP A 858 -8.55 5.29 25.94
CA ASP A 858 -9.06 5.84 27.19
C ASP A 858 -8.15 6.94 27.71
N ALA A 859 -8.69 7.76 28.62
CA ALA A 859 -8.02 8.92 29.18
C ALA A 859 -6.61 8.66 29.73
N LYS A 860 -6.46 7.59 30.47
CA LYS A 860 -5.18 7.23 31.05
C LYS A 860 -4.12 6.89 29.98
N ARG A 861 -4.52 6.15 28.94
CA ARG A 861 -3.64 5.88 27.79
C ARG A 861 -3.31 7.15 27.03
N GLN A 862 -4.31 7.99 26.77
CA GLN A 862 -4.09 9.27 26.07
C GLN A 862 -3.04 10.12 26.74
N GLU A 863 -3.04 10.18 28.06
N GLU A 863 -3.08 10.14 28.07
CA GLU A 863 -2.07 11.06 28.70
CA GLU A 863 -2.16 10.93 28.88
C GLU A 863 -0.65 10.53 28.65
C GLU A 863 -0.72 10.52 28.62
N LYS A 864 -0.47 9.21 28.69
CA LYS A 864 0.87 8.64 28.49
C LYS A 864 1.35 8.84 27.04
N MET A 865 0.43 8.74 26.09
CA MET A 865 0.77 8.88 24.65
C MET A 865 1.11 10.34 24.31
N ARG A 866 0.32 11.28 24.86
CA ARG A 866 0.62 12.70 24.78
C ARG A 866 1.99 12.96 25.35
N ALA A 867 2.26 12.44 26.55
CA ALA A 867 3.59 12.58 27.16
C ALA A 867 4.70 12.08 26.22
N ALA A 868 4.48 10.92 25.59
CA ALA A 868 5.46 10.37 24.62
C ALA A 868 5.61 11.32 23.43
N LEU A 869 4.50 11.82 22.91
CA LEU A 869 4.57 12.74 21.77
C LEU A 869 5.26 14.07 22.13
N GLU A 870 5.04 14.57 23.34
CA GLU A 870 5.70 15.80 23.81
C GLU A 870 7.23 15.59 23.94
N GLN A 871 7.63 14.42 24.41
N GLN A 871 7.64 14.42 24.41
CA GLN A 871 9.05 14.06 24.44
CA GLN A 871 9.06 14.05 24.45
C GLN A 871 9.68 14.13 23.04
C GLN A 871 9.70 14.10 23.05
N LEU A 872 9.02 13.51 22.06
CA LEU A 872 9.50 13.54 20.67
C LEU A 872 9.48 14.96 20.07
N LYS A 873 8.49 15.76 20.44
CA LYS A 873 8.38 17.11 19.90
C LYS A 873 9.58 17.97 20.33
N GLY A 874 10.15 17.69 21.50
CA GLY A 874 11.31 18.45 21.98
C GLY A 874 12.68 17.94 21.48
N LEU A 875 12.68 16.96 20.56
CA LEU A 875 13.94 16.40 20.06
C LEU A 875 14.70 17.50 19.36
N GLU A 876 16.01 17.57 19.62
CA GLU A 876 16.93 18.37 18.80
C GLU A 876 16.92 17.78 17.38
N ASN A 877 16.96 18.66 16.39
CA ASN A 877 16.88 18.30 14.97
C ASN A 877 15.69 17.38 14.64
N LEU A 878 14.49 17.79 15.07
CA LEU A 878 13.27 17.08 14.76
C LEU A 878 13.00 17.18 13.26
N SER A 879 12.85 16.03 12.60
CA SER A 879 12.59 16.04 11.17
C SER A 879 11.20 16.62 10.88
N GLY A 880 11.06 17.28 9.72
CA GLY A 880 9.77 17.73 9.22
C GLY A 880 8.76 16.58 9.16
N ASP A 881 9.23 15.37 8.82
CA ASP A 881 8.32 14.22 8.67
C ASP A 881 7.61 13.97 9.99
N LEU A 882 8.37 13.87 11.09
CA LEU A 882 7.78 13.68 12.43
C LEU A 882 7.06 14.93 12.95
N TYR A 883 7.62 16.11 12.70
CA TYR A 883 7.01 17.36 13.13
C TYR A 883 5.54 17.46 12.71
N GLU A 884 5.28 17.18 11.44
CA GLU A 884 3.93 17.30 10.89
C GLU A 884 2.92 16.39 11.63
N LYS A 885 3.29 15.14 11.84
CA LYS A 885 2.40 14.19 12.53
C LYS A 885 2.24 14.51 14.01
N ILE A 886 3.33 14.88 14.67
CA ILE A 886 3.30 15.13 16.11
C ILE A 886 2.42 16.37 16.39
N THR A 887 2.57 17.44 15.61
CA THR A 887 1.79 18.66 15.84
C THR A 887 0.28 18.41 15.61
N LYS A 888 -0.08 17.71 14.54
CA LYS A 888 -1.47 17.24 14.35
C LYS A 888 -1.95 16.37 15.52
N ALA A 889 -1.14 15.43 15.99
CA ALA A 889 -1.57 14.53 17.07
C ALA A 889 -1.80 15.29 18.39
N LEU A 890 -1.01 16.33 18.64
CA LEU A 890 -1.06 17.06 19.91
C LEU A 890 -2.04 18.25 19.86
N ALA A 891 -2.62 18.52 18.69
CA ALA A 891 -3.58 19.63 18.55
C ALA A 891 -4.90 19.42 19.32
ZN ZN B . 2.61 3.54 -7.25
C1 GOL C . 27.59 18.44 1.52
O1 GOL C . 26.35 18.56 2.15
C2 GOL C . 27.85 17.00 1.12
O2 GOL C . 26.79 16.45 0.35
C3 GOL C . 29.19 16.98 0.39
O3 GOL C . 29.51 15.67 0.03
C1 GOL D . 30.83 30.34 -10.70
O1 GOL D . 31.14 29.10 -10.10
C2 GOL D . 30.86 31.59 -9.83
O2 GOL D . 31.02 31.41 -8.43
C3 GOL D . 31.73 32.71 -10.37
O3 GOL D . 31.98 33.69 -9.37
C1 GOL E . 30.70 28.06 -5.79
O1 GOL E . 31.21 28.84 -6.86
C2 GOL E . 31.06 28.70 -4.45
O2 GOL E . 30.22 28.21 -3.44
C3 GOL E . 32.50 28.40 -4.05
O3 GOL E . 32.73 27.01 -4.01
C1 GOL F . -23.55 -6.66 4.24
O1 GOL F . -23.33 -7.51 5.35
C2 GOL F . -23.98 -7.45 3.00
O2 GOL F . -25.20 -6.89 2.63
C3 GOL F . -22.96 -7.20 1.87
O3 GOL F . -23.53 -7.18 0.56
S SO4 G . 5.43 -1.22 1.41
O1 SO4 G . 4.71 -0.37 2.35
O2 SO4 G . 5.03 -0.72 0.09
O3 SO4 G . 6.89 -1.22 1.66
O4 SO4 G . 5.00 -2.61 1.51
S SO4 H . -13.69 -15.28 -9.51
O1 SO4 H . -13.97 -15.08 -8.05
O2 SO4 H . -14.77 -14.65 -10.29
O3 SO4 H . -12.38 -14.72 -9.90
O4 SO4 H . -13.58 -16.71 -9.81
S SO4 I . 19.65 -18.93 1.81
O1 SO4 I . 19.11 -18.10 2.90
O2 SO4 I . 18.65 -19.10 0.76
O3 SO4 I . 20.81 -18.24 1.25
O4 SO4 I . 19.99 -20.24 2.36
S SO4 J . 17.93 -12.06 1.71
O1 SO4 J . 17.80 -10.92 2.62
O2 SO4 J . 18.17 -11.57 0.35
O3 SO4 J . 19.07 -12.91 2.12
O4 SO4 J . 16.69 -12.83 1.73
S SO4 K . 27.30 -1.72 -18.20
O1 SO4 K . 28.23 -1.00 -17.33
O2 SO4 K . 27.44 -1.31 -19.60
O3 SO4 K . 27.64 -3.16 -18.17
O4 SO4 K . 25.92 -1.46 -17.79
S SO4 L . -11.31 16.41 -27.19
O1 SO4 L . -10.08 16.24 -26.42
O2 SO4 L . -11.57 17.84 -27.31
O3 SO4 L . -11.15 15.78 -28.50
O4 SO4 L . -12.45 15.76 -26.54
S SO4 M . -17.27 1.88 22.38
O1 SO4 M . -16.00 2.62 22.49
O2 SO4 M . -17.63 1.67 20.97
O3 SO4 M . -17.11 0.60 23.10
O4 SO4 M . -18.31 2.70 23.01
S SO4 N . 9.94 23.78 -2.52
O1 SO4 N . 11.14 23.69 -1.69
O2 SO4 N . 9.42 25.14 -2.47
O3 SO4 N . 10.21 23.43 -3.92
O4 SO4 N . 8.95 22.80 -2.05
#